data_2MG8
#
_entry.id   2MG8
#
loop_
_entity.id
_entity.type
_entity.pdbx_description
1 polymer "5'-D(*AP*GP*GP*TP*CP*AP*CP*GP*GP*TP*GP*GP*CP*CP*A)-3'"
2 polymer "5'-D(*TP*GP*GP*CP*CP*AP*CP*CP*GP*TP*GP*AP*CP*CP*T)-3'"
3 non-polymer 1-METHYL-9-[12-(9-METHYLPHENAZIN-10-IUM-1-YL)-12-OXO-2,11-DIAZA-5,8-DIAZONIADODEC-1-ANOYL]PHENAZIN-10-IUM
#
loop_
_entity_poly.entity_id
_entity_poly.type
_entity_poly.pdbx_seq_one_letter_code
_entity_poly.pdbx_strand_id
1 'polydeoxyribonucleotide' (DA)(DG)(DG)(DT)(DC)(DA)(DC)(DG)(DG)(DT)(DG)(DG)(DC)(DC)(DA) A
2 'polydeoxyribonucleotide' (DT)(DG)(DG)(DC)(DC)(DA)(DC)(DC)(DG)(DT)(DG)(DA)(DC)(DC)(DT) B
#
loop_
_chem_comp.id
_chem_comp.type
_chem_comp.name
_chem_comp.formula
DA DNA linking 2'-DEOXYADENOSINE-5'-MONOPHOSPHATE 'C10 H14 N5 O6 P'
DC DNA linking 2'-DEOXYCYTIDINE-5'-MONOPHOSPHATE 'C9 H14 N3 O7 P'
DG DNA linking 2'-DEOXYGUANOSINE-5'-MONOPHOSPHATE 'C10 H14 N5 O7 P'
DT DNA linking THYMIDINE-5'-MONOPHOSPHATE 'C10 H15 N2 O8 P'
XR2 non-polymer 1-METHYL-9-[12-(9-METHYLPHENAZIN-10-IUM-1-YL)-12-OXO-2,11-DIAZA-5,8-DIAZONIADODEC-1-ANOYL]PHENAZIN-10-IUM 'C34 H38 N8 O2 4'
#
# COMPACT_ATOMS: atom_id res chain seq x y z
C1 XR2 C . 0.59 4.51 3.47
C2 XR2 C . 0.16 5.69 2.88
C3 XR2 C . -1.18 5.87 2.54
C4 XR2 C . -2.09 4.86 2.81
C12 XR2 C . -1.66 3.67 3.41
C11 XR2 C . -0.32 3.50 3.74
N5 XR2 C . -2.60 2.73 3.64
N10 XR2 C . 0.06 2.32 4.32
C13 XR2 C . -2.18 1.59 4.21
C14 XR2 C . -0.87 1.34 4.57
C6 XR2 C . -3.15 0.61 4.45
C7 XR2 C . -2.80 -0.60 5.04
C8 XR2 C . -1.48 -0.83 5.40
C9 XR2 C . -0.52 0.11 5.17
C9A XR2 C . 0.93 -0.15 5.57
C XR2 C . 2.06 4.38 3.79
O XR2 C . 2.67 3.35 3.53
N XR2 C . 2.63 5.41 4.34
CA XR2 C . 3.94 5.25 5.05
CB XR2 C . 3.71 4.12 6.05
NG XR2 C . 2.70 4.64 7.02
CD XR2 C . 3.42 5.68 7.83
N' XR2 C . 3.28 9.64 10.54
C' XR2 C . 2.54 9.75 11.61
O' XR2 C . 2.25 10.85 12.08
C1' XR2 C . 2.07 8.47 12.25
C2' XR2 C . 3.03 7.61 12.76
C3' XR2 C . 2.67 6.41 13.34
C4' XR2 C . 1.32 6.07 13.42
CCX XR2 C . 0.34 6.94 12.92
N5' XR2 C . -0.93 6.55 13.03
CDX XR2 C . -1.87 7.39 12.53
CEX XR2 C . -1.56 8.60 11.94
NAX XR2 C . -0.25 8.96 11.85
CBX XR2 C . 0.73 8.14 12.33
C9' XR2 C . -2.60 9.43 11.45
C8' XR2 C . -3.90 9.03 11.56
C7' XR2 C . -4.22 7.81 12.15
C6' XR2 C . -3.21 7.00 12.64
C9X XR2 C . -2.28 10.76 10.79
CA' XR2 C . 2.64 9.26 9.25
CB' XR2 C . 2.19 7.81 9.43
NG' XR2 C . 1.71 7.37 8.09
CD' XR2 C . 2.94 7.04 7.30
H2 XR2 C . 0.88 6.47 2.68
H3 XR2 C . -1.50 6.79 2.09
H4 XR2 C . -3.13 4.99 2.56
H6 XR2 C . -4.18 0.79 4.17
H7 XR2 C . -3.54 -1.35 5.21
H8 XR2 C . -1.20 -1.76 5.86
H91 XR2 C . 1.23 -1.14 5.23
H92 XR2 C . 1.01 -0.11 6.66
H93 XR2 C . 1.57 0.60 5.12
HN XR2 C . 2.20 6.29 4.32
HA1 XR2 C . 4.21 6.16 5.56
HA2 XR2 C . 4.71 4.97 4.34
HB1 XR2 C . 4.63 3.87 6.55
HB2 XR2 C . 3.32 3.23 5.55
HG1 XR2 C . 2.40 3.91 7.61
HG2 XR2 C . 1.93 5.02 6.54
HD1 XR2 C . 4.48 5.58 7.70
HD2 XR2 C . 3.16 5.57 8.88
HN' XR2 C . 4.25 9.80 10.59
H2' XR2 C . 4.07 7.89 12.68
H3' XR2 C . 3.42 5.75 13.74
H4' XR2 C . 1.03 5.14 13.87
H8' XR2 C . -4.69 9.68 11.18
H7' XR2 C . -5.26 7.51 12.24
H6' XR2 C . -3.45 6.05 13.11
H91' XR2 C . -3.20 11.30 10.58
H92' XR2 C . -1.73 10.59 9.86
H93' XR2 C . -1.66 11.36 11.47
HA1' XR2 C . 3.37 9.33 8.44
HA2' XR2 C . 1.80 9.90 9.03
HB1' XR2 C . 1.39 7.76 10.14
HB2' XR2 C . 3.02 7.20 9.75
HG1' XR2 C . 1.20 8.08 7.65
HG2' XR2 C . 1.14 6.57 8.18
HD1' XR2 C . 2.69 6.97 6.25
HD2' XR2 C . 3.69 7.79 7.46
C1 XR2 D . -2.77 -10.25 -11.24
C2 XR2 D . -4.11 -10.38 -11.55
C3 XR2 D . -4.73 -9.46 -12.38
C4 XR2 D . -3.99 -8.41 -12.90
C12 XR2 D . -2.63 -8.28 -12.59
C11 XR2 D . -2.03 -9.21 -11.77
N5 XR2 D . -1.98 -7.24 -13.14
N10 XR2 D . -0.70 -9.06 -11.47
C13 XR2 D . -0.66 -7.13 -12.83
C14 XR2 D . 0.01 -8.02 -12.02
C6 XR2 D . 0.03 -6.04 -13.38
C7 XR2 D . 1.39 -5.87 -13.11
C8 XR2 D . 2.04 -6.77 -12.28
C9 XR2 D . 1.39 -7.83 -11.75
C9A XR2 D . 2.13 -8.81 -10.85
C XR2 D . -2.17 -11.27 -10.31
O XR2 D . -2.29 -12.48 -10.51
N XR2 D . -1.50 -10.80 -9.29
CA XR2 D . -1.74 -11.35 -7.93
CB XR2 D . -0.53 -10.91 -7.11
NG XR2 D . -0.76 -9.46 -6.79
CD XR2 D . 0.60 -8.88 -6.57
N' XR2 D . 2.08 -4.96 -3.81
C' XR2 D . 2.48 -3.79 -3.38
O' XR2 D . 3.32 -3.68 -2.51
C1' XR2 D . 1.82 -2.59 -4.02
C2' XR2 D . 2.64 -1.57 -4.47
C3' XR2 D . 2.09 -0.45 -5.10
C4' XR2 D . 0.71 -0.39 -5.28
CCX XR2 D . -0.11 -1.44 -4.83
N5' XR2 D . -1.44 -1.31 -5.03
CDX XR2 D . -2.22 -2.32 -4.59
CEX XR2 D . -1.71 -3.44 -3.95
NAX XR2 D . -0.36 -3.52 -3.77
CBX XR2 D . 0.46 -2.53 -4.20
C9' XR2 D . -2.59 -4.46 -3.52
C8' XR2 D . -3.92 -4.35 -3.72
C7' XR2 D . -4.45 -3.23 -4.37
C6' XR2 D . -3.59 -2.21 -4.80
C9X XR2 D . -2.03 -5.70 -2.83
CA' XR2 D . 1.55 -5.98 -2.86
CB' XR2 D . 1.91 -7.35 -3.47
NG' XR2 D . 1.32 -7.38 -4.85
CD' XR2 D . 0.81 -8.76 -5.05
H2 XR2 D . -4.68 -11.20 -11.14
H3 XR2 D . -5.78 -9.56 -12.62
H4 XR2 D . -4.46 -7.68 -13.54
H6 XR2 D . -0.49 -5.34 -14.01
H7 XR2 D . 1.93 -5.04 -13.54
H8 XR2 D . 3.10 -6.64 -12.08
H91 XR2 D . 3.11 -8.41 -10.59
H92 XR2 D . 2.25 -9.76 -11.38
H93 XR2 D . 1.55 -8.98 -9.94
HN XR2 D . -0.85 -10.09 -9.43
HA1 XR2 D . -1.79 -12.44 -7.97
HA2 XR2 D . -2.65 -10.95 -7.51
HB1 XR2 D . 0.38 -11.03 -7.68
HB2 XR2 D . -0.46 -11.49 -6.19
HG1 XR2 D . -1.32 -9.38 -6.00
HG2 XR2 D . -1.20 -9.01 -7.55
HD1 XR2 D . 0.66 -7.90 -7.03
HD2 XR2 D . 1.35 -9.53 -7.00
HN' XR2 D . 2.10 -5.15 -4.77
H2' XR2 D . 3.71 -1.64 -4.31
H3' XR2 D . 2.73 0.34 -5.44
H4' XR2 D . 0.27 0.47 -5.77
H8' XR2 D . -4.59 -5.11 -3.37
H7' XR2 D . -5.50 -3.16 -4.57
H6' XR2 D . -4.00 -1.34 -5.28
H91' XR2 D . -2.85 -6.32 -2.46
H92' XR2 D . -1.42 -5.39 -1.98
H93' XR2 D . -1.42 -6.26 -3.53
HA1' XR2 D . 0.49 -5.88 -2.75
HA2' XR2 D . 2.03 -5.87 -1.89
HB1' XR2 D . 1.48 -8.15 -2.88
HB2' XR2 D . 2.98 -7.47 -3.52
HG1' XR2 D . 2.02 -7.17 -5.52
HG2' XR2 D . 0.58 -6.73 -4.93
HD1' XR2 D . 1.55 -9.48 -4.72
HD2' XR2 D . -0.12 -8.90 -4.52
C1 XR2 C . -2.99 -7.44 -12.71
C2 XR2 C . -4.33 -7.39 -13.06
C3 XR2 C . -4.84 -6.32 -13.78
C4 XR2 C . -3.97 -5.28 -14.16
C12 XR2 C . -2.62 -5.35 -13.81
C11 XR2 C . -2.13 -6.43 -13.08
N5 XR2 C . -1.85 -4.32 -14.21
N10 XR2 C . -0.81 -6.44 -12.77
C13 XR2 C . -0.55 -4.37 -13.87
C14 XR2 C . 0.02 -5.43 -13.16
C6 XR2 C . 0.28 -3.32 -14.28
C7 XR2 C . 1.63 -3.31 -13.97
C8 XR2 C . 2.18 -4.36 -13.25
C9 XR2 C . 1.39 -5.40 -12.85
C9A XR2 C . 2.01 -6.56 -12.07
C XR2 C . -2.52 -8.64 -11.92
O XR2 C . -1.73 -9.45 -12.39
N XR2 C . -2.99 -8.75 -10.71
CA XR2 C . -2.41 -9.75 -9.77
CB XR2 C . -1.08 -9.14 -9.32
NG XR2 C . -1.40 -8.40 -8.07
CD XR2 C . -0.13 -7.69 -7.69
N' XR2 C . 0.71 -4.53 -3.98
C' XR2 C . 1.38 -3.49 -3.59
O' XR2 C . 2.40 -3.57 -2.92
C1' XR2 C . 0.82 -2.16 -4.04
C2' XR2 C . 1.71 -1.15 -4.36
C3' XR2 C . 1.23 0.06 -4.85
C4' XR2 C . -0.14 0.25 -5.00
CCX XR2 C . -1.03 -0.78 -4.67
N5' XR2 C . -2.35 -0.55 -4.85
CDX XR2 C . -3.19 -1.55 -4.51
CEX XR2 C . -2.76 -2.77 -4.03
NAX XR2 C . -1.42 -2.97 -3.86
CBX XR2 C . -0.53 -1.98 -4.19
C9' XR2 C . -3.71 -3.78 -3.70
C8' XR2 C . -5.03 -3.54 -3.88
C7' XR2 C . -5.47 -2.33 -4.37
C6' XR2 C . -4.56 -1.33 -4.69
C9X XR2 C . -3.22 -5.12 -3.17
CA' XR2 C . 0.87 -5.85 -3.30
CB' XR2 C . 1.24 -6.86 -4.40
NG' XR2 C . 0.23 -6.67 -5.51
CD' XR2 C . 0.12 -7.99 -6.19
H2 XR2 C . -4.99 -8.18 -12.75
H3 XR2 C . -5.89 -6.28 -14.04
H4 XR2 C . -4.35 -4.45 -14.72
H6 XR2 C . -0.16 -2.50 -14.84
H7 XR2 C . 2.26 -2.49 -14.28
H8 XR2 C . 3.22 -4.37 -13.00
H91 XR2 C . 1.44 -6.72 -11.15
H92 XR2 C . 3.04 -6.32 -11.81
H93 XR2 C . 1.98 -7.46 -12.67
HN XR2 C . -3.73 -8.18 -10.41
HA1 XR2 C . -2.23 -10.69 -10.28
HA2 XR2 C . -3.05 -9.90 -8.92
HB1 XR2 C . -0.70 -8.46 -10.08
HB2 XR2 C . -0.35 -9.91 -9.13
HG1 XR2 C . -1.69 -9.03 -7.38
HG2 XR2 C . -2.11 -7.74 -8.24
HD1 XR2 C . -0.24 -6.62 -7.84
HD2 XR2 C . 0.69 -8.06 -8.28
HN' XR2 C . 0.07 -4.45 -4.72
H2' XR2 C . 2.77 -1.31 -4.23
H3' XR2 C . 1.93 0.87 -5.10
H4' XR2 C . -0.52 1.19 -5.38
H8' XR2 C . -5.74 -4.30 -3.61
H7' XR2 C . -6.52 -2.18 -4.53
H6' XR2 C . -4.91 -0.39 -5.07
H91' XR2 C . -2.67 -4.96 -2.25
H92' XR2 C . -2.59 -5.60 -3.90
H93' XR2 C . -4.09 -5.76 -2.96
HA1' XR2 C . -0.05 -6.14 -2.81
HA2' XR2 C . 1.68 -5.79 -2.57
HB1' XR2 C . 1.18 -7.86 -4.02
HB2' XR2 C . 2.23 -6.66 -4.78
HG1' XR2 C . 0.55 -5.97 -6.13
HG2' XR2 C . -0.65 -6.40 -5.14
HD1' XR2 C . 1.05 -8.54 -6.07
HD2' XR2 C . -0.70 -8.55 -5.77
C1 XR2 D . 0.38 5.31 3.58
C2 XR2 D . -0.03 6.55 3.15
C3 XR2 D . -1.38 6.81 2.92
C4 XR2 D . -2.31 5.80 3.15
C12 XR2 D . -1.89 4.54 3.57
C11 XR2 D . -0.54 4.30 3.79
N5 XR2 D . -2.85 3.61 3.76
N10 XR2 D . -0.16 3.05 4.21
C13 XR2 D . -2.43 2.39 4.18
C14 XR2 D . -1.11 2.08 4.41
C6 XR2 D . -3.42 1.42 4.37
C7 XR2 D . -3.06 0.14 4.80
C8 XR2 D . -1.73 -0.16 5.04
C9 XR2 D . -0.76 0.78 4.85
C9A XR2 D . 0.70 0.43 5.10
C XR2 D . 1.85 5.12 3.82
O XR2 D . 2.46 4.14 3.38
N XR2 D . 2.47 6.04 4.51
CA XR2 D . 3.72 5.73 5.24
CB XR2 D . 3.30 4.70 6.30
NG XR2 D . 2.48 5.46 7.28
CD XR2 D . 3.44 6.38 7.99
N' XR2 D . 3.24 8.58 10.58
C' XR2 D . 2.55 8.57 11.69
O' XR2 D . 2.18 9.60 12.25
C1' XR2 D . 2.22 7.21 12.25
C2' XR2 D . 3.28 6.41 12.66
C3' XR2 D . 3.05 5.14 13.19
C4' XR2 D . 1.74 4.69 13.30
CCX XR2 D . 0.68 5.49 12.89
N5' XR2 D . -0.57 4.98 13.03
CDX XR2 D . -1.59 5.77 12.62
CEX XR2 D . -1.41 7.04 12.10
NAX XR2 D . -0.14 7.51 11.98
CBX XR2 D . 0.93 6.75 12.36
C9' XR2 D . -2.54 7.80 11.71
C8' XR2 D . -3.79 7.29 11.85
C7' XR2 D . -3.99 6.01 12.37
C6' XR2 D . -2.89 5.25 12.76
C9X XR2 D . -2.35 9.18 11.13
CA' XR2 D . 3.16 9.77 9.67
CB' XR2 D . 1.90 9.58 8.81
NG' XR2 D . 1.82 8.12 8.44
CD' XR2 D . 3.04 7.82 7.63
H2 XR2 D . 0.70 7.32 2.98
H3 XR2 D . -1.70 7.79 2.59
H4 XR2 D . -3.35 5.99 2.97
H6 XR2 D . -4.45 1.66 4.20
H7 XR2 D . -3.82 -0.61 4.95
H8 XR2 D . -1.45 -1.15 5.37
H91 XR2 D . 0.93 0.58 6.17
H92 XR2 D . 1.34 1.06 4.50
H93 XR2 D . 0.87 -0.62 4.85
HN XR2 D . 2.10 6.95 4.54
HA1 XR2 D . 4.11 6.61 5.71
HA2 XR2 D . 4.45 5.29 4.57
HB1 XR2 D . 4.17 4.29 6.79
HB2 XR2 D . 2.72 3.91 5.85
HG1 XR2 D . 2.06 4.85 7.91
HG2 XR2 D . 1.79 5.98 6.81
HD1 XR2 D . 4.46 6.18 7.66
HD2 XR2 D . 3.37 6.23 9.06
HN' XR2 D . 3.81 7.83 10.35
H2' XR2 D . 4.29 6.78 12.57
H3' XR2 D . 3.88 4.52 13.50
H4' XR2 D . 1.54 3.71 13.70
H8' XR2 D . -4.64 7.87 11.54
H7' XR2 D . -4.98 5.62 12.48
H6' XR2 D . -3.03 4.26 13.18
H91' XR2 D . -2.12 9.89 11.92
H92' XR2 D . -3.26 9.50 10.61
H93' XR2 D . -1.52 9.17 10.41
HA1' XR2 D . 4.04 9.82 9.06
HA2' XR2 D . 3.07 10.67 10.26
HB1' XR2 D . 1.97 10.18 7.91
HB2' XR2 D . 1.02 9.86 9.37
HG1' XR2 D . 1.01 7.96 7.90
HG2' XR2 D . 1.77 7.57 9.25
HD1' XR2 D . 2.80 7.89 6.58
HD2' XR2 D . 3.83 8.50 7.87
C1 XR2 C . -3.94 -7.88 -12.27
C2 XR2 C . -5.09 -7.29 -12.75
C3 XR2 C . -5.04 -6.13 -13.50
C4 XR2 C . -3.80 -5.54 -13.75
C12 XR2 C . -2.64 -6.13 -13.27
C11 XR2 C . -2.71 -7.30 -12.52
N5 XR2 C . -1.48 -5.51 -13.55
N10 XR2 C . -1.54 -7.84 -12.06
C13 XR2 C . -0.34 -6.08 -13.08
C14 XR2 C . -0.34 -7.23 -12.33
C6 XR2 C . 0.87 -5.44 -13.37
C7 XR2 C . 2.07 -5.97 -12.90
C8 XR2 C . 2.05 -7.14 -12.15
C9 XR2 C . 0.88 -7.78 -11.87
C9A XR2 C . 0.89 -9.06 -11.06
C XR2 C . -4.08 -9.14 -11.46
O XR2 C . -4.47 -10.18 -11.97
N XR2 C . -3.76 -9.06 -10.20
CA XR2 C . -3.37 -10.29 -9.45
CB XR2 C . -2.03 -9.93 -8.78
NG XR2 C . -2.37 -8.99 -7.67
CD XR2 C . -1.25 -9.11 -6.68
N' XR2 C . 0.39 -5.20 -4.20
C' XR2 C . 1.22 -4.23 -3.95
O' XR2 C . 2.31 -4.42 -3.41
C1' XR2 C . 0.75 -2.85 -4.34
C2' XR2 C . 1.70 -1.94 -4.79
C3' XR2 C . 1.31 -0.68 -5.21
C4' XR2 C . -0.04 -0.34 -5.19
CCX XR2 C . -0.99 -1.26 -4.74
N5' XR2 C . -2.29 -0.87 -4.74
CDX XR2 C . -3.19 -1.78 -4.29
CEX XR2 C . -2.84 -3.04 -3.86
NAX XR2 C . -1.53 -3.40 -3.88
CBX XR2 C . -0.58 -2.52 -4.31
C9' XR2 C . -3.84 -3.94 -3.41
C8' XR2 C . -5.14 -3.56 -3.41
C7' XR2 C . -5.51 -2.29 -3.84
C6' XR2 C . -4.53 -1.41 -4.29
C9X XR2 C . -3.46 -5.33 -2.93
CA' XR2 C . 0.50 -6.51 -3.47
CB' XR2 C . 0.21 -7.58 -4.54
NG' XR2 C . -1.13 -7.26 -5.13
CD' XR2 C . -1.80 -8.58 -5.36
H2 XR2 C . -6.04 -7.76 -12.55
H3 XR2 C . -5.95 -5.68 -13.88
H4 XR2 C . -3.75 -4.63 -14.34
H6 XR2 C . 0.87 -4.53 -13.95
H7 XR2 C . 3.00 -5.48 -13.12
H8 XR2 C . 2.98 -7.56 -11.80
H91 XR2 C . 1.17 -8.84 -10.03
H92 XR2 C . 1.61 -9.76 -11.49
H93 XR2 C . -0.10 -9.51 -11.08
HN XR2 C . -3.77 -8.19 -9.74
HA1 XR2 C . -3.23 -11.11 -10.12
HA2 XR2 C . -4.11 -10.52 -8.70
HB1 XR2 C . -1.38 -9.44 -9.49
HB2 XR2 C . -1.56 -10.81 -8.38
HG1 XR2 C . -3.22 -9.24 -7.24
HG2 XR2 C . -2.43 -8.07 -8.00
HD1 XR2 C . -0.41 -8.51 -7.00
HD2 XR2 C . -0.95 -10.15 -6.58
HN' XR2 C . -0.31 -5.07 -4.86
H2' XR2 C . 2.74 -2.22 -4.81
H3' XR2 C . 2.04 0.04 -5.56
H4' XR2 C . -0.35 0.64 -5.53
H8' XR2 C . -5.90 -4.23 -3.05
H7' XR2 C . -6.54 -2.02 -3.88
H6' XR2 C . -4.83 -0.41 -4.61
H91' XR2 C . -3.94 -5.54 -1.97
H92' XR2 C . -2.38 -5.40 -2.82
H93' XR2 C . -3.78 -6.07 -3.66
HA1' XR2 C . -0.22 -6.56 -2.68
HA2' XR2 C . 1.50 -6.63 -3.08
HB1' XR2 C . 0.18 -8.56 -4.07
HB2' XR2 C . 0.97 -7.56 -5.31
HG1' XR2 C . -1.03 -6.78 -5.98
HG2' XR2 C . -1.67 -6.72 -4.51
HD1' XR2 C . -1.56 -9.26 -4.56
HD2' XR2 C . -2.87 -8.46 -5.41
C1 XR2 D . 0.61 5.12 2.74
C2 XR2 D . 0.17 6.33 2.20
C3 XR2 D . -1.18 6.57 2.04
C4 XR2 D . -2.10 5.58 2.40
C12 XR2 D . -1.65 4.38 2.94
C11 XR2 D . -0.29 4.15 3.10
N5 XR2 D . -2.60 3.46 3.27
N10 XR2 D . 0.11 2.95 3.63
C13 XR2 D . -2.16 2.30 3.79
C14 XR2 D . -0.83 2.00 3.97
C6 XR2 D . -3.13 1.35 4.12
C7 XR2 D . -2.75 0.12 4.65
C8 XR2 D . -1.41 -0.16 4.84
C9 XR2 D . -0.45 0.76 4.52
C9A XR2 D . 1.02 0.42 4.73
C XR2 D . 2.09 4.95 2.92
O XR2 D . 2.88 5.11 1.99
N XR2 D . 2.50 4.62 4.11
CA XR2 D . 3.95 4.66 4.46
CB XR2 D . 4.20 6.10 4.94
NG XR2 D . 3.45 6.21 6.22
CD XR2 D . 3.49 7.66 6.59
N' XR2 D . 4.98 6.54 11.15
C' XR2 D . 5.15 6.42 12.43
O' XR2 D . 5.73 7.29 13.08
C1' XR2 D . 4.60 5.18 13.09
C2' XR2 D . 5.52 4.25 13.54
C3' XR2 D . 5.10 3.08 14.15
C4' XR2 D . 3.74 2.84 14.29
CCX XR2 D . 2.81 3.79 13.83
N5' XR2 D . 1.50 3.50 14.00
CDX XR2 D . 0.61 4.41 13.55
CEX XR2 D . 0.99 5.59 12.94
NAX XR2 D . 2.32 5.86 12.79
CBX XR2 D . 3.25 4.96 13.22
C9' XR2 D . -0.01 6.49 12.50
C8' XR2 D . -1.32 6.20 12.67
C7' XR2 D . -1.71 5.01 13.28
C6' XR2 D . -0.74 4.12 13.73
C9X XR2 D . 0.39 7.80 11.82
CA' XR2 D . 4.26 7.71 10.59
CB' XR2 D . 3.51 7.17 9.36
NG' XR2 D . 2.82 8.36 8.78
CD' XR2 D . 2.27 7.90 7.47
H2 XR2 D . 0.89 7.07 1.91
H3 XR2 D . -1.53 7.51 1.62
H4 XR2 D . -3.16 5.76 2.28
H6 XR2 D . -4.17 1.58 4.00
H7 XR2 D . -3.51 -0.60 4.90
H8 XR2 D . -1.11 -1.11 5.26
H91 XR2 D . 1.44 0.02 3.81
H92 XR2 D . 1.11 -0.32 5.52
H93 XR2 D . 1.55 1.32 5.02
HN XR2 D . 1.85 4.34 4.79
HA1 XR2 D . 4.55 4.44 3.59
HA2 XR2 D . 4.17 3.96 5.25
HB1 XR2 D . 3.83 6.80 4.22
HB2 XR2 D . 5.26 6.25 5.12
HG1 XR2 D . 3.86 5.67 6.92
HG2 XR2 D . 2.52 5.92 6.10
HD1 XR2 D . 3.45 8.27 5.70
HD2 XR2 D . 4.40 7.87 7.15
HN' XR2 D . 5.32 5.84 10.54
H2' XR2 D . 6.58 4.44 13.42
H3' XR2 D . 5.81 2.35 14.51
H4' XR2 D . 3.39 1.94 14.75
H8' XR2 D . -2.07 6.90 12.33
H7' XR2 D . -2.76 4.79 13.42
H6' XR2 D . -1.04 3.20 14.20
H91' XR2 D . 1.10 8.34 12.46
H92' XR2 D . -0.50 8.41 11.65
H93' XR2 D . 0.87 7.58 10.86
HA1' XR2 D . 4.97 8.47 10.28
HA2' XR2 D . 3.56 8.11 11.31
HB1' XR2 D . 2.80 6.43 9.67
HB2' XR2 D . 4.20 6.76 8.64
HG1' XR2 D . 3.45 9.09 8.65
HG2' XR2 D . 2.09 8.65 9.38
HD1' XR2 D . 1.70 6.99 7.61
HD2' XR2 D . 1.64 8.67 7.05
C1 XR2 C . -1.59 -8.01 -13.14
C2 XR2 C . -2.93 -8.10 -13.48
C3 XR2 C . -3.59 -7.01 -14.04
C4 XR2 C . -2.88 -5.84 -14.27
C12 XR2 C . -1.52 -5.75 -13.91
C11 XR2 C . -0.89 -6.85 -13.35
N5 XR2 C . -0.90 -4.58 -14.15
N10 XR2 C . 0.44 -6.73 -13.02
C13 XR2 C . 0.40 -4.51 -13.82
C14 XR2 C . 1.10 -5.56 -13.25
C6 XR2 C . 1.06 -3.29 -14.05
C7 XR2 C . 2.41 -3.16 -13.73
C8 XR2 C . 3.09 -4.22 -13.16
C9 XR2 C . 2.46 -5.40 -12.92
C9A XR2 C . 3.24 -6.56 -12.31
C XR2 C . -0.96 -9.23 -12.51
O XR2 C . -0.78 -10.27 -13.15
N XR2 C . -0.61 -9.13 -11.26
CA XR2 C . -0.59 -10.34 -10.39
CB XR2 C . -0.20 -9.82 -8.99
NG XR2 C . -1.38 -9.04 -8.51
CD XR2 C . -0.81 -7.99 -7.60
N' XR2 C . 1.20 -6.12 -3.65
C' XR2 C . 1.72 -5.10 -3.03
O' XR2 C . 2.57 -5.25 -2.15
C1' XR2 C . 1.23 -3.72 -3.42
C2' XR2 C . 2.19 -2.77 -3.68
C3' XR2 C . 1.81 -1.48 -4.06
C4' XR2 C . 0.46 -1.18 -4.18
CCX XR2 C . -0.50 -2.15 -3.92
N5' XR2 C . -1.80 -1.79 -4.05
CDX XR2 C . -2.73 -2.74 -3.80
CEX XR2 C . -2.40 -4.04 -3.42
NAX XR2 C . -1.08 -4.36 -3.29
CBX XR2 C . -0.11 -3.43 -3.54
C9' XR2 C . -3.43 -4.98 -3.17
C8' XR2 C . -4.73 -4.62 -3.31
C7' XR2 C . -5.07 -3.33 -3.70
C6' XR2 C . -4.07 -2.39 -3.94
C9X XR2 C . -3.07 -6.40 -2.75
CA' XR2 C . 1.99 -7.38 -3.83
CB' XR2 C . 1.01 -8.38 -4.43
NG' XR2 C . 0.85 -7.98 -5.86
CD' XR2 C . -0.34 -8.75 -6.37
H2 XR2 C . -3.46 -9.02 -13.31
H3 XR2 C . -4.62 -7.08 -14.32
H4 XR2 C . -3.37 -4.98 -14.70
H6 XR2 C . 0.53 -2.47 -14.49
H7 XR2 C . 2.92 -2.22 -13.91
H8 XR2 C . 4.14 -4.12 -12.90
H91 XR2 C . 4.12 -6.18 -11.79
H92 XR2 C . 3.55 -7.24 -13.10
H93 XR2 C . 2.59 -7.10 -11.61
HN XR2 C . -0.36 -8.26 -10.89
HA1 XR2 C . 0.16 -11.04 -10.74
HA2 XR2 C . -1.56 -10.80 -10.36
HB1 XR2 C . 0.67 -9.20 -9.05
HB2 XR2 C . -0.01 -10.65 -8.33
HG1 XR2 C . -2.00 -9.61 -8.02
HG2 XR2 C . -1.85 -8.61 -9.26
HD1 XR2 C . -1.58 -7.28 -7.33
HD2 XR2 C . 0.01 -7.48 -8.08
HN' XR2 C . 0.28 -6.06 -4.00
H2' XR2 C . 3.23 -3.02 -3.58
H3' XR2 C . 2.57 -0.73 -4.27
H4' XR2 C . 0.16 -0.18 -4.48
H8' XR2 C . -5.50 -5.33 -3.10
H7' XR2 C . -6.09 -3.07 -3.85
H6' XR2 C . -4.35 -1.39 -4.21
H91' XR2 C . -3.77 -6.74 -1.98
H92' XR2 C . -2.06 -6.42 -2.34
H93' XR2 C . -3.13 -7.05 -3.61
HA1' XR2 C . 2.36 -7.72 -2.88
HA2' XR2 C . 2.82 -7.20 -4.52
HB1' XR2 C . 0.06 -8.34 -3.92
HB2' XR2 C . 1.42 -9.39 -4.38
HG1' XR2 C . 1.65 -8.22 -6.38
HG2' XR2 C . 0.68 -7.02 -5.92
HD1' XR2 C . -0.05 -9.75 -6.63
HD2' XR2 C . -1.11 -8.78 -5.62
C1 XR2 D . 0.73 4.91 3.93
C2 XR2 D . 0.34 6.14 3.43
C3 XR2 D . -0.99 6.38 3.12
C4 XR2 D . -1.93 5.38 3.34
C12 XR2 D . -1.54 4.14 3.86
C11 XR2 D . -0.20 3.91 4.16
N5 XR2 D . -2.50 3.23 4.04
N10 XR2 D . 0.15 2.69 4.67
C13 XR2 D . -2.12 2.04 4.54
C14 XR2 D . -0.80 1.73 4.87
C6 XR2 D . -3.11 1.08 4.74
C7 XR2 D . -2.79 -0.17 5.25
C8 XR2 D . -1.47 -0.46 5.58
C9 XR2 D . -0.49 0.47 5.39
C9A XR2 D . 0.96 0.12 5.75
C XR2 D . 2.19 4.71 4.24
O XR2 D . 2.78 3.68 3.95
N XR2 D . 2.81 5.71 4.82
CA XR2 D . 3.93 5.43 5.77
CB XR2 D . 3.26 4.78 6.97
NG XR2 D . 2.45 5.86 7.60
CD XR2 D . 3.44 6.79 8.25
N' XR2 D . 0.81 10.04 10.36
C' XR2 D . 0.38 9.94 11.58
O' XR2 D . -0.36 10.79 12.08
C1' XR2 D . 0.82 8.73 12.37
C2' XR2 D . 2.17 8.67 12.72
C3' XR2 D . 2.64 7.59 13.45
C4' XR2 D . 1.77 6.57 13.82
CCX XR2 D . 0.42 6.64 13.46
N5' XR2 D . -0.37 5.63 13.86
CDX XR2 D . -1.67 5.70 13.51
CEX XR2 D . -2.21 6.75 12.79
NAX XR2 D . -1.38 7.77 12.40
CBX XR2 D . -0.05 7.73 12.73
C9' XR2 D . -3.59 6.75 12.47
C8' XR2 D . -4.38 5.73 12.87
C7' XR2 D . -3.86 4.67 13.59
C6' XR2 D . -2.51 4.66 13.91
C9X XR2 D . -4.19 7.90 11.65
CA' XR2 D . 2.18 10.57 10.09
CB' XR2 D . 2.98 9.36 9.58
NG' XR2 D . 2.26 8.90 8.35
CD' XR2 D . 3.28 8.15 7.55
H2 XR2 D . 1.08 6.90 3.25
H3 XR2 D . -1.29 7.34 2.73
H4 XR2 D . -2.97 5.57 3.12
H6 XR2 D . -4.14 1.30 4.49
H7 XR2 D . -3.56 -0.91 5.41
H8 XR2 D . -1.22 -1.43 5.99
H91 XR2 D . 1.44 -0.37 4.91
H92 XR2 D . 0.97 -0.55 6.61
H93 XR2 D . 1.49 1.04 5.99
HN XR2 D . 2.54 6.63 4.63
HA1 XR2 D . 4.41 6.36 6.06
HA2 XR2 D . 4.65 4.77 5.32
HB1 XR2 D . 4.01 4.42 7.67
HB2 XR2 D . 2.62 3.97 6.66
HG1 XR2 D . 1.85 5.48 8.28
HG2 XR2 D . 1.91 6.32 6.93
HD1 XR2 D . 4.44 6.42 8.11
HD2 XR2 D . 3.22 6.89 9.31
HN' XR2 D . 0.23 9.78 9.61
H2' XR2 D . 2.83 9.46 12.43
H3' XR2 D . 3.69 7.54 13.72
H4' XR2 D . 2.12 5.73 14.39
H8' XR2 D . -5.44 5.73 12.61
H7' XR2 D . -4.50 3.86 13.91
H6' XR2 D . -2.09 3.83 14.48
H91' XR2 D . -3.39 8.40 11.10
H92' XR2 D . -4.66 8.61 12.34
H93' XR2 D . -4.93 7.51 10.97
HA1' XR2 D . 2.62 10.95 11.00
HA2' XR2 D . 2.15 11.34 9.34
HB1' XR2 D . 2.99 8.58 10.33
HB2' XR2 D . 3.99 9.65 9.33
HG1' XR2 D . 1.93 9.65 7.84
HG2' XR2 D . 1.52 8.31 8.60
HD1' XR2 D . 2.93 8.02 6.54
HD2' XR2 D . 4.22 8.69 7.55
C1 XR2 C . -2.15 -7.65 -13.46
C2 XR2 C . -3.47 -8.01 -13.62
C3 XR2 C . -4.40 -7.11 -14.11
C4 XR2 C . -3.98 -5.83 -14.43
C12 XR2 C . -2.64 -5.45 -14.27
C11 XR2 C . -1.73 -6.38 -13.78
N5 XR2 C . -2.31 -4.20 -14.61
N10 XR2 C . -0.42 -5.98 -13.65
C13 XR2 C . -1.02 -3.84 -14.46
C14 XR2 C . -0.05 -4.70 -13.98
C6 XR2 C . -0.67 -2.54 -14.81
C7 XR2 C . 0.66 -2.11 -14.68
C8 XR2 C . 1.61 -2.98 -14.19
C9 XR2 C . 1.28 -4.25 -13.85
C9A XR2 C . 2.36 -5.20 -13.33
C XR2 C . -1.19 -8.69 -12.91
O XR2 C . -0.78 -9.61 -13.61
N XR2 C . -0.84 -8.56 -11.66
CA XR2 C . -1.03 -9.69 -10.71
CB XR2 C . -0.18 -9.34 -9.49
NG XR2 C . -0.95 -8.30 -8.73
CD XR2 C . 0.09 -7.44 -8.08
N' XR2 C . 2.19 -5.35 -4.35
C' XR2 C . 2.76 -4.33 -3.79
O' XR2 C . 3.71 -4.44 -3.02
C1' XR2 C . 2.17 -2.98 -4.14
C2' XR2 C . 3.05 -1.95 -4.47
C3' XR2 C . 2.57 -0.71 -4.88
C4' XR2 C . 1.19 -0.52 -4.95
CCX XR2 C . 0.30 -1.55 -4.61
N5' XR2 C . -1.01 -1.29 -4.71
CDX XR2 C . -1.86 -2.30 -4.38
CEX XR2 C . -1.42 -3.55 -3.97
NAX XR2 C . -0.07 -3.77 -3.88
CBX XR2 C . 0.81 -2.77 -4.21
C9' XR2 C . -2.35 -4.55 -3.63
C8' XR2 C . -3.68 -4.30 -3.73
C7' XR2 C . -4.13 -3.07 -4.16
C6' XR2 C . -3.22 -2.07 -4.48
C9X XR2 C . -1.87 -5.93 -3.17
CA' XR2 C . 2.82 -6.71 -4.28
CB' XR2 C . 1.73 -7.68 -4.78
NG' XR2 C . 1.67 -7.50 -6.26
CD' XR2 C . 0.34 -8.04 -6.68
H2 XR2 C . -3.78 -9.01 -13.35
H3 XR2 C . -5.43 -7.40 -14.22
H4 XR2 C . -4.69 -5.11 -14.81
H6 XR2 C . -1.42 -1.85 -15.19
H7 XR2 C . 0.92 -1.10 -14.94
H8 XR2 C . 2.64 -2.65 -14.09
H91 XR2 C . 1.90 -5.95 -12.67
H92 XR2 C . 3.10 -4.63 -12.77
H93 XR2 C . 2.84 -5.71 -14.17
HN XR2 C . -0.45 -7.72 -11.34
HA1 XR2 C . -0.69 -10.62 -11.15
HA2 XR2 C . -2.07 -9.78 -10.43
HB1 XR2 C . 0.78 -8.94 -9.80
HB2 XR2 C . -0.02 -10.22 -8.87
HG1 XR2 C . -1.52 -8.73 -8.07
HG2 XR2 C . -1.49 -7.76 -9.34
HD1 XR2 C . -0.28 -6.43 -7.98
HD2 XR2 C . 1.00 -7.46 -8.65
HN' XR2 C . 1.34 -5.23 -4.83
H2' XR2 C . 4.11 -2.12 -4.40
H3' XR2 C . 3.25 0.07 -5.13
H4' XR2 C . 0.80 0.44 -5.27
H8' XR2 C . -4.39 -5.06 -3.45
H7' XR2 C . -5.18 -2.90 -4.28
H6' XR2 C . -3.58 -1.10 -4.81
H91' XR2 C . -1.54 -6.51 -4.03
H92' XR2 C . -2.68 -6.44 -2.66
H93' XR2 C . -1.03 -5.79 -2.48
HA1' XR2 C . 3.10 -6.94 -3.27
HA2' XR2 C . 3.68 -6.75 -4.94
HB1' XR2 C . 0.78 -7.43 -4.33
HB2' XR2 C . 2.00 -8.70 -4.53
HG1' XR2 C . 2.39 -8.01 -6.69
HG2' XR2 C . 1.74 -6.55 -6.50
HD1' XR2 C . 0.37 -9.12 -6.73
HD2' XR2 C . -0.44 -7.71 -5.99
C1 XR2 D . 0.95 4.71 3.51
C2 XR2 D . 0.66 5.96 2.99
C3 XR2 D . -0.64 6.29 2.66
C4 XR2 D . -1.65 5.35 2.86
C12 XR2 D . -1.36 4.10 3.38
C11 XR2 D . -0.05 3.78 3.71
N5 XR2 D . -2.38 3.24 3.55
N10 XR2 D . 0.22 2.54 4.23
C13 XR2 D . -2.08 2.03 4.06
C14 XR2 D . -0.80 1.65 4.42
C6 XR2 D . -3.15 1.14 4.23
C7 XR2 D . -2.91 -0.14 4.75
C8 XR2 D . -1.61 -0.50 5.11
C9 XR2 D . -0.58 0.35 4.95
C9A XR2 D . 0.83 -0.07 5.33
C XR2 D . 2.40 4.43 3.84
O XR2 D . 3.18 4.04 2.98
N XR2 D . 2.77 4.60 5.07
CA XR2 D . 4.22 4.62 5.43
CB XR2 D . 4.45 6.00 6.08
NG XR2 D . 3.70 5.96 7.38
CD XR2 D . 4.39 6.94 8.27
N' XR2 D . 2.73 10.48 11.47
C' XR2 D . 2.02 9.89 12.39
O' XR2 D . 0.98 10.39 12.82
C1' XR2 D . 2.54 8.57 12.91
C2' XR2 D . 3.89 8.49 13.23
C3' XR2 D . 4.43 7.32 13.70
C4' XR2 D . 3.60 6.21 13.87
CCX XR2 D . 2.25 6.29 13.56
N5' XR2 D . 1.51 5.16 13.73
CDX XR2 D . 0.20 5.25 13.43
CEX XR2 D . -0.40 6.40 12.95
NAX XR2 D . 0.38 7.52 12.77
CBX XR2 D . 1.72 7.47 13.07
C9' XR2 D . -1.78 6.40 12.65
C8' XR2 D . -2.52 5.27 12.84
C7' XR2 D . -1.93 4.11 13.32
C6' XR2 D . -0.57 4.10 13.62
C9X XR2 D . -2.45 7.67 12.13
CA' XR2 D . 3.39 9.67 10.40
CB' XR2 D . 2.45 9.77 9.20
NG' XR2 D . 2.48 8.42 8.56
CD' XR2 D . 3.82 8.31 7.90
H2 XR2 D . 1.45 6.67 2.82
H3 XR2 D . -0.88 7.26 2.25
H4 XR2 D . -2.68 5.60 2.60
H6 XR2 D . -4.14 1.42 3.96
H7 XR2 D . -3.72 -0.83 4.89
H8 XR2 D . -1.43 -1.48 5.53
H91 XR2 D . 1.56 0.46 4.71
H92 XR2 D . 0.94 -1.14 5.17
H93 XR2 D . 1.01 0.16 6.39
HN XR2 D . 2.10 4.70 5.79
HA1 XR2 D . 4.83 4.53 4.53
HA2 XR2 D . 4.46 3.84 6.12
HB1 XR2 D . 4.06 6.78 5.45
HB2 XR2 D . 5.51 6.15 6.26
HG1 XR2 D . 3.75 5.06 7.77
HG2 XR2 D . 2.77 6.21 7.24
HD1 XR2 D . 5.46 6.91 8.10
HD2 XR2 D . 4.18 6.71 9.31
HN' XR2 D . 2.83 11.45 11.47
H2' XR2 D . 4.51 9.36 13.09
H3' XR2 D . 5.48 7.25 13.94
H4' XR2 D . 4.02 5.28 14.24
H8' XR2 D . -3.58 5.29 12.61
H7' XR2 D . -2.53 3.22 13.46
H6' XR2 D . -0.11 3.19 13.99
H91' XR2 D . -3.42 7.79 12.61
H92' XR2 D . -2.59 7.59 11.06
H93' XR2 D . -1.81 8.53 12.35
HA1' XR2 D . 3.49 8.64 10.71
HA2' XR2 D . 4.35 10.08 10.15
HB1' XR2 D . 2.80 10.51 8.49
HB2' XR2 D . 1.45 10.00 9.53
HG1' XR2 D . 1.77 8.33 7.89
HG2' XR2 D . 2.37 7.72 9.25
HD1' XR2 D . 3.72 8.39 6.83
HD2' XR2 D . 4.48 9.09 8.26
C1 XR2 C . -2.64 -7.54 -13.05
C2 XR2 C . -3.96 -7.75 -13.41
C3 XR2 C . -4.67 -6.77 -14.08
C4 XR2 C . -4.04 -5.57 -14.40
C12 XR2 C . -2.70 -5.36 -14.03
C11 XR2 C . -2.01 -6.36 -13.37
N5 XR2 C . -2.15 -4.17 -14.38
N10 XR2 C . -0.70 -6.12 -13.04
C13 XR2 C . -0.86 -3.99 -14.03
C14 XR2 C . -0.11 -4.94 -13.35
C6 XR2 C . -0.28 -2.77 -14.37
C7 XR2 C . 1.06 -2.52 -14.04
C8 XR2 C . 1.80 -3.48 -13.37
C9 XR2 C . 1.23 -4.66 -13.03
C9A XR2 C . 2.06 -5.71 -12.28
C XR2 C . -1.93 -8.65 -12.31
O XR2 C . -1.71 -9.74 -12.83
N XR2 C . -1.55 -8.38 -11.09
CA XR2 C . -1.39 -9.47 -10.09
CB XR2 C . -2.32 -9.09 -8.94
NG XR2 C . -1.44 -8.37 -7.96
CD XR2 C . -0.51 -9.43 -7.42
N' XR2 C . 1.50 -5.81 -4.14
C' XR2 C . 2.03 -4.81 -3.49
O' XR2 C . 2.92 -4.98 -2.65
C1' XR2 C . 1.51 -3.44 -3.80
C2' XR2 C . 2.42 -2.42 -4.00
C3' XR2 C . 2.00 -1.15 -4.32
C4' XR2 C . 0.63 -0.89 -4.46
CCX XR2 C . -0.29 -1.92 -4.25
N5' XR2 C . -1.59 -1.60 -4.39
CDX XR2 C . -2.48 -2.60 -4.19
CEX XR2 C . -2.11 -3.89 -3.86
NAX XR2 C . -0.78 -4.17 -3.73
CBX XR2 C . 0.15 -3.19 -3.92
C9' XR2 C . -3.10 -4.88 -3.66
C8' XR2 C . -4.41 -4.56 -3.80
C7' XR2 C . -4.80 -3.28 -4.15
C6' XR2 C . -3.83 -2.30 -4.33
C9X XR2 C . -2.70 -6.30 -3.29
CA' XR2 C . 2.14 -7.15 -4.14
CB' XR2 C . 0.98 -8.14 -4.28
NG' XR2 C . 0.69 -8.19 -5.75
CD' XR2 C . -0.41 -9.18 -5.91
H2 XR2 C . -4.44 -8.69 -13.16
H3 XR2 C . -5.71 -6.93 -14.36
H4 XR2 C . -4.58 -4.80 -14.92
H6 XR2 C . -0.86 -2.03 -14.89
H7 XR2 C . 1.51 -1.57 -14.31
H8 XR2 C . 2.83 -3.29 -13.11
H91 XR2 C . 2.95 -5.25 -11.87
H92 XR2 C . 2.34 -6.50 -12.97
H93 XR2 C . 1.46 -6.13 -11.47
HN XR2 C . -1.37 -7.45 -10.83
HA1 XR2 C . -0.37 -9.53 -9.76
HA2 XR2 C . -1.70 -10.42 -10.53
HB1 XR2 C . -2.74 -9.97 -8.48
HB2 XR2 C . -3.10 -8.43 -9.29
HG1 XR2 C . -1.99 -7.98 -7.25
HG2 XR2 C . -0.93 -7.67 -8.42
HD1 XR2 C . 0.46 -9.33 -7.88
HD2 XR2 C . -0.91 -10.41 -7.61
HN' XR2 C . 0.67 -5.67 -4.65
H2' XR2 C . 3.47 -2.64 -3.90
H3' XR2 C . 2.72 -0.35 -4.48
H4' XR2 C . 0.30 0.10 -4.72
H8' XR2 C . -5.16 -5.32 -3.63
H7' XR2 C . -5.83 -3.06 -4.29
H6' XR2 C . -4.15 -1.29 -4.58
H91' XR2 C . -3.56 -6.96 -3.36
H92' XR2 C . -2.31 -6.31 -2.27
H93' XR2 C . -1.93 -6.65 -3.98
HA1' XR2 C . 2.65 -7.31 -3.20
HA2' XR2 C . 2.82 -7.25 -4.96
HB1' XR2 C . 0.11 -7.78 -3.75
HB2' XR2 C . 1.27 -9.12 -3.93
HG1' XR2 C . 1.48 -8.48 -6.25
HG2' XR2 C . 0.41 -7.31 -6.07
HD1' XR2 C . -0.16 -10.10 -5.40
HD2' XR2 C . -1.34 -8.78 -5.53
C1 XR2 D . -0.36 4.05 3.60
C2 XR2 D . -0.78 5.29 3.14
C3 XR2 D . -2.12 5.54 2.87
C4 XR2 D . -3.04 4.51 3.05
C12 XR2 D . -2.63 3.26 3.51
C11 XR2 D . -1.28 3.04 3.78
N5 XR2 D . -3.58 2.32 3.66
N10 XR2 D . -0.91 1.80 4.22
C13 XR2 D . -3.17 1.12 4.09
C14 XR2 D . -1.85 0.81 4.39
C6 XR2 D . -4.15 0.12 4.25
C7 XR2 D . -3.80 -1.14 4.71
C8 XR2 D . -2.46 -1.43 5.00
C9 XR2 D . -1.50 -0.48 4.84
C9A XR2 D . -0.05 -0.81 5.17
C XR2 D . 1.11 3.86 3.87
O XR2 D . 1.69 2.81 3.61
N XR2 D . 1.74 4.88 4.39
CA XR2 D . 3.11 4.71 4.94
CB XR2 D . 2.91 4.05 6.32
NG XR2 D . 1.92 4.91 7.07
CD XR2 D . 2.61 5.30 8.34
N' XR2 D . 3.49 10.89 9.42
C' XR2 D . 3.68 10.66 10.70
O' XR2 D . 3.92 11.57 11.49
C1' XR2 D . 3.57 9.22 11.14
C2' XR2 D . 4.76 8.53 11.33
C3' XR2 D . 4.74 7.20 11.74
C4' XR2 D . 3.52 6.59 11.97
CCX XR2 D . 2.33 7.29 11.79
N5' XR2 D . 1.18 6.62 12.04
CDX XR2 D . 0.03 7.31 11.85
CEX XR2 D . -0.01 8.63 11.45
NAX XR2 D . 1.18 9.28 11.21
CBX XR2 D . 2.36 8.62 11.37
C9' XR2 D . -1.26 9.27 11.28
C8' XR2 D . -2.41 8.61 11.52
C7' XR2 D . -2.39 7.28 11.94
C6' XR2 D . -1.17 6.63 12.10
C9X XR2 D . -1.31 10.74 10.83
CA' XR2 D . 2.63 10.00 8.62
CB' XR2 D . 3.54 8.84 8.21
NG' XR2 D . 2.62 7.68 7.99
CD' XR2 D . 3.51 6.47 7.97
H2 XR2 D . -0.05 6.07 3.00
H3 XR2 D . -2.44 6.50 2.52
H4 XR2 D . -4.08 4.70 2.85
H6 XR2 D . -5.17 0.35 4.03
H7 XR2 D . -4.55 -1.90 4.83
H8 XR2 D . -2.19 -2.40 5.36
H91 XR2 D . 0.59 -0.44 4.36
H92 XR2 D . 0.06 -1.88 5.26
H93 XR2 D . 0.23 -0.32 6.11
HN XR2 D . 1.31 5.76 4.41
HA1 XR2 D . 3.59 5.67 5.06
HA2 XR2 D . 3.69 4.07 4.30
HB1 XR2 D . 3.85 4.01 6.86
HB2 XR2 D . 2.52 3.05 6.20
HG1 XR2 D . 1.12 4.38 7.27
HG2 XR2 D . 1.67 5.71 6.56
HD1 XR2 D . 3.20 4.47 8.72
HD2 XR2 D . 1.88 5.60 9.08
HN' XR2 D . 3.94 11.67 9.00
H2' XR2 D . 5.70 9.03 11.14
H3' XR2 D . 5.66 6.66 11.88
H4' XR2 D . 3.49 5.56 12.30
H8' XR2 D . -3.36 9.11 11.39
H7' XR2 D . -3.32 6.76 12.13
H6' XR2 D . -1.14 5.60 12.42
H91' XR2 D . -2.07 10.86 10.08
H92' XR2 D . -0.33 11.02 10.43
H93' XR2 D . -1.54 11.36 11.70
HA1' XR2 D . 2.26 10.52 7.75
HA2' XR2 D . 1.80 9.64 9.21
HB1' XR2 D . 4.23 8.61 9.01
HB2' XR2 D . 4.06 9.08 7.30
HG1' XR2 D . 2.16 7.77 7.14
HG2' XR2 D . 1.96 7.61 8.72
HD1' XR2 D . 3.93 6.33 6.98
HD2' XR2 D . 4.30 6.58 8.70
C1 XR2 C . 0.73 5.34 3.68
C2 XR2 C . 0.37 6.64 3.33
C3 XR2 C . -0.94 6.93 2.98
C4 XR2 C . -1.89 5.92 3.00
C12 XR2 C . -1.53 4.62 3.36
C11 XR2 C . -0.21 4.33 3.70
N5 XR2 C . -2.51 3.69 3.35
N10 XR2 C . 0.11 3.04 4.05
C13 XR2 C . -2.16 2.44 3.70
C14 XR2 C . -0.87 2.08 4.05
C6 XR2 C . -3.16 1.47 3.69
C7 XR2 C . -2.87 0.15 4.04
C8 XR2 C . -1.56 -0.20 4.38
C9 XR2 C . -0.59 0.73 4.40
C9A XR2 C . 0.83 0.33 4.80
C XR2 C . 2.17 5.11 4.07
O XR2 C . 3.06 5.06 3.22
N XR2 C . 2.42 4.95 5.34
CA XR2 C . 3.82 4.82 5.82
CB XR2 C . 4.11 6.15 6.54
NG XR2 C . 3.11 6.21 7.65
CD XR2 C . 3.67 7.18 8.65
N' XR2 C . 1.54 10.60 11.84
C' XR2 C . 1.98 9.92 12.87
O' XR2 C . 2.68 10.46 13.73
C1' XR2 C . 1.62 8.46 12.96
C2' XR2 C . 2.63 7.57 13.24
C3' XR2 C . 2.38 6.21 13.35
C4' XR2 C . 1.07 5.75 13.16
CCX XR2 C . 0.05 6.66 12.87
N5' XR2 C . -1.19 6.14 12.70
CDX XR2 C . -2.18 7.02 12.42
CEX XR2 C . -1.97 8.38 12.29
NAX XR2 C . -0.71 8.86 12.47
CBX XR2 C . 0.33 8.02 12.76
C9' XR2 C . -3.07 9.23 11.99
C8' XR2 C . -4.31 8.71 11.82
C7' XR2 C . -4.53 7.34 11.94
C6' XR2 C . -3.46 6.50 12.24
C9X XR2 C . -2.84 10.73 11.87
CA' XR2 C . 1.21 9.91 10.56
CB' XR2 C . 2.57 9.56 9.93
NG' XR2 C . 2.24 9.12 8.55
CD' XR2 C . 3.51 8.57 7.99
H2 XR2 C . 1.13 7.40 3.32
H3 XR2 C . -1.21 7.94 2.70
H4 XR2 C . -2.91 6.14 2.74
H6 XR2 C . -4.17 1.75 3.42
H7 XR2 C . -3.65 -0.60 4.03
H8 XR2 C . -1.34 -1.21 4.65
H91 XR2 C . 1.49 1.19 4.68
H92 XR2 C . 1.18 -0.47 4.16
H93 XR2 C . 0.84 0.02 5.84
HN XR2 C . 1.68 4.91 5.98
HA1 XR2 C . 4.50 4.69 4.99
HA2 XR2 C . 3.92 3.99 6.51
HB1 XR2 C . 3.98 6.97 5.87
HB2 XR2 C . 5.12 6.14 6.94
HG1 XR2 C . 3.00 5.33 8.07
HG2 XR2 C . 2.24 6.54 7.31
HD1 XR2 C . 4.72 6.97 8.82
HD2 XR2 C . 3.11 7.14 9.57
HN' XR2 C . 1.41 11.57 11.91
H2' XR2 C . 3.63 7.93 13.38
H3' XR2 C . 3.17 5.52 13.57
H4' XR2 C . 0.85 4.70 13.24
H8' XR2 C . -5.13 9.38 11.60
H7' XR2 C . -5.52 6.94 11.80
H6' XR2 C . -3.63 5.44 12.32
H91' XR2 C . -3.75 11.21 11.49
H92' XR2 C . -2.01 10.93 11.20
H93' XR2 C . -2.60 11.15 12.85
HA1' XR2 C . 0.66 10.57 9.91
HA2' XR2 C . 0.64 9.01 10.75
HB1' XR2 C . 3.04 8.76 10.48
HB2' XR2 C . 3.20 10.44 9.91
HG1' XR2 C . 1.93 9.88 8.01
HG2' XR2 C . 1.53 8.43 8.57
HD1' XR2 C . 3.43 8.47 6.92
HD2' XR2 C . 4.34 9.20 8.25
C1 XR2 D . -2.91 -8.59 -12.51
C2 XR2 D . -4.16 -8.44 -13.10
C3 XR2 D . -4.39 -7.38 -13.98
C4 XR2 D . -3.37 -6.49 -14.24
C12 XR2 D . -2.11 -6.65 -13.64
C11 XR2 D . -1.90 -7.71 -12.78
N5 XR2 D . -1.16 -5.74 -13.96
N10 XR2 D . -0.65 -7.84 -12.21
C13 XR2 D . 0.04 -5.90 -13.37
C14 XR2 D . 0.34 -6.94 -12.50
C6 XR2 D . 1.04 -4.97 -13.67
C7 XR2 D . 2.30 -5.07 -13.12
C8 XR2 D . 2.58 -6.12 -12.24
C9 XR2 D . 1.62 -7.03 -11.94
C9A XR2 D . 1.95 -8.19 -10.98
C XR2 D . -2.73 -9.75 -11.55
O XR2 D . -3.09 -10.88 -11.84
N XR2 D . -2.18 -9.46 -10.41
CA XR2 D . -2.30 -10.41 -9.26
CB XR2 D . -1.01 -10.24 -8.47
NG XR2 D . -1.31 -9.21 -7.45
CD XR2 D . -0.02 -8.98 -6.71
N' XR2 D . 1.46 -4.95 -3.68
C' XR2 D . 2.01 -3.89 -3.15
O' XR2 D . 2.88 -3.95 -2.29
C1' XR2 D . 1.50 -2.57 -3.69
C2' XR2 D . 2.43 -1.59 -3.98
C3' XR2 D . 2.02 -0.38 -4.54
C4' XR2 D . 0.67 -0.19 -4.81
CCX XR2 D . -0.27 -1.20 -4.51
N5' XR2 D . -1.55 -0.94 -4.79
CDX XR2 D . -2.44 -1.92 -4.50
CEX XR2 D . -2.08 -3.13 -3.93
NAX XR2 D . -0.76 -3.34 -3.67
CBX XR2 D . 0.17 -2.39 -3.95
C9' XR2 D . -3.07 -4.10 -3.65
C8' XR2 D . -4.37 -3.85 -3.93
C7' XR2 D . -4.74 -2.65 -4.51
C6' XR2 D . -3.79 -1.67 -4.79
C9X XR2 D . -2.67 -5.43 -3.03
CA' XR2 D . 1.80 -6.32 -3.17
CB' XR2 D . 0.59 -7.18 -3.55
NG' XR2 D . 0.79 -7.50 -4.99
CD' XR2 D . -0.41 -8.30 -5.39
H2 XR2 D . -4.94 -9.14 -12.88
H3 XR2 D . -5.36 -7.26 -14.43
H4 XR2 D . -3.53 -5.65 -14.92
H6 XR2 D . 0.81 -4.15 -14.35
H7 XR2 D . 3.07 -4.35 -13.35
H8 XR2 D . 3.56 -6.21 -11.80
H91 XR2 D . 2.74 -7.87 -10.29
H92 XR2 D . 2.30 -9.04 -11.56
H93 XR2 D . 1.06 -8.45 -10.42
HN XR2 D . -1.68 -8.62 -10.29
HA1 XR2 D . -2.40 -11.42 -9.63
HA2 XR2 D . -3.16 -10.15 -8.64
HB1 XR2 D . -0.21 -9.90 -9.12
HB2 XR2 D . -0.73 -11.17 -8.00
HG1 XR2 D . -2.01 -9.53 -6.83
HG2 XR2 D . -1.60 -8.37 -7.88
HD1 XR2 D . 0.62 -8.33 -7.29
HD2 XR2 D . 0.46 -9.92 -6.52
HN' XR2 D . 0.80 -4.86 -4.40
H2' XR2 D . 3.47 -1.76 -3.75
H3' XR2 D . 2.74 0.39 -4.77
H4' XR2 D . 0.34 0.74 -5.26
H8' XR2 D . -5.13 -4.57 -3.68
H7' XR2 D . -5.77 -2.47 -4.77
H6' XR2 D . -4.09 -0.75 -5.23
H91' XR2 D . -1.74 -5.31 -2.48
H92' XR2 D . -2.54 -6.17 -3.82
H93' XR2 D . -3.46 -5.76 -2.34
HA1' XR2 D . 1.92 -6.30 -2.10
HA2' XR2 D . 2.70 -6.68 -3.65
HB1' XR2 D . -0.32 -6.63 -3.41
HB2' XR2 D . 0.58 -8.09 -2.96
HG1' XR2 D . 1.60 -8.03 -5.12
HG2' XR2 D . 0.83 -6.68 -5.53
HD1' XR2 D . -0.64 -9.05 -4.64
HD2' XR2 D . -1.27 -7.65 -5.54
C1 XR2 C . 1.49 4.13 3.65
C2 XR2 C . 1.05 5.32 3.08
C3 XR2 C . -0.27 5.48 2.68
C4 XR2 C . -1.15 4.42 2.87
C12 XR2 C . -0.71 3.22 3.45
C11 XR2 C . 0.62 3.08 3.83
N5 XR2 C . -1.63 2.24 3.59
N10 XR2 C . 1.00 1.90 4.39
C13 XR2 C . -1.20 1.09 4.14
C14 XR2 C . 0.11 0.88 4.56
C6 XR2 C . -2.14 0.08 4.31
C7 XR2 C . -1.78 -1.15 4.87
C8 XR2 C . -0.46 -1.35 5.28
C9 XR2 C . 0.47 -0.37 5.13
C9A XR2 C . 1.91 -0.60 5.58
C XR2 C . 2.93 4.06 4.08
O XR2 C . 3.77 3.48 3.40
N XR2 C . 3.22 4.64 5.21
CA XR2 C . 4.37 5.60 5.29
CB XR2 C . 4.80 5.57 6.76
NG XR2 C . 3.92 6.56 7.45
CD XR2 C . 4.44 7.90 7.05
N' XR2 C . 1.09 10.20 10.33
C' XR2 C . 0.75 9.83 11.53
O' XR2 C . 0.29 10.64 12.34
C1' XR2 C . 0.97 8.39 11.89
C2' XR2 C . 2.26 7.97 12.13
C3' XR2 C . 2.52 6.65 12.48
C4' XR2 C . 1.47 5.76 12.58
CCX XR2 C . 0.16 6.18 12.35
N5' XR2 C . -0.82 5.26 12.48
CDX XR2 C . -2.08 5.68 12.24
CEX XR2 C . -2.40 6.98 11.90
NAX XR2 C . -1.39 7.89 11.78
CBX XR2 C . -0.08 7.50 12.00
C9' XR2 C . -3.75 7.33 11.67
C8' XR2 C . -4.73 6.41 11.81
C7' XR2 C . -4.42 5.10 12.16
C6' XR2 C . -3.10 4.73 12.38
C9X XR2 C . -4.10 8.76 11.27
CA' XR2 C . 2.50 10.60 10.03
CB' XR2 C . 2.59 10.66 8.50
NG' XR2 C . 2.67 9.24 8.04
CD' XR2 C . 4.11 8.85 8.22
H2 XR2 C . 1.76 6.13 2.95
H3 XR2 C . -0.60 6.40 2.23
H4 XR2 C . -2.18 4.52 2.57
H6 XR2 C . -3.16 0.23 3.99
H7 XR2 C . -2.51 -1.93 5.00
H8 XR2 C . -0.17 -2.30 5.70
H91 XR2 C . 2.14 -1.66 5.49
H92 XR2 C . 2.02 -0.29 6.62
H93 XR2 C . 2.58 -0.02 4.96
HN XR2 C . 2.70 4.45 6.01
HA1 XR2 C . 4.05 6.59 5.01
HA2 XR2 C . 5.18 5.27 4.65
HB1 XR2 C . 5.84 5.86 6.85
HB2 XR2 C . 4.66 4.58 7.18
HG1 XR2 C . 3.98 6.44 8.42
HG2 XR2 C . 3.00 6.46 7.15
HD1 XR2 C . 3.96 8.23 6.15
HD2 XR2 C . 5.51 7.86 6.91
HN' XR2 C . 0.42 10.21 9.61
H2' XR2 C . 3.07 8.68 12.03
H3' XR2 C . 3.54 6.33 12.65
H4' XR2 C . 1.65 4.73 12.85
H8' XR2 C . -5.76 6.69 11.63
H7' XR2 C . -5.22 4.37 12.25
H6' XR2 C . -2.85 3.72 12.65
H91' XR2 C . -4.79 8.74 10.43
H92' XR2 C . -3.19 9.29 10.99
H93' XR2 C . -4.57 9.27 12.12
HA1' XR2 C . 3.19 9.86 10.42
HA2' XR2 C . 2.71 11.56 10.46
HB1' XR2 C . 3.47 11.20 8.20
HB2' XR2 C . 1.70 11.13 8.09
HG1' XR2 C . 2.40 9.17 7.10
HG2' XR2 C . 2.10 8.66 8.58
HD1' XR2 C . 4.73 9.73 8.17
HD2' XR2 C . 4.25 8.34 9.16
C1 XR2 D . -3.34 -7.90 -12.37
C2 XR2 D . -4.71 -7.79 -12.60
C3 XR2 D . -5.23 -6.67 -13.22
C4 XR2 D . -4.37 -5.64 -13.60
C12 XR2 D . -3.00 -5.76 -13.37
C11 XR2 D . -2.49 -6.88 -12.75
N5 XR2 D . -2.22 -4.72 -13.77
N10 XR2 D . -1.14 -6.97 -12.54
C13 XR2 D . -0.90 -4.83 -13.55
C14 XR2 D . -0.33 -5.93 -12.93
C6 XR2 D . -0.09 -3.78 -13.95
C7 XR2 D . 1.29 -3.83 -13.75
C8 XR2 D . 1.86 -4.94 -13.14
C9 XR2 D . 1.07 -5.97 -12.74
C9A XR2 D . 1.72 -7.18 -12.07
C XR2 D . -2.85 -9.12 -11.66
O XR2 D . -3.21 -10.26 -11.99
N XR2 D . -2.01 -8.92 -10.67
CA XR2 D . -1.50 -10.08 -9.89
CB XR2 D . -0.10 -9.65 -9.44
NG XR2 D . -0.31 -8.70 -8.30
CD XR2 D . 0.99 -8.69 -7.54
N' XR2 D . 2.21 -5.02 -4.11
C' XR2 D . 2.80 -3.95 -3.65
O' XR2 D . 3.75 -4.02 -2.87
C1' XR2 D . 2.25 -2.63 -4.12
C2' XR2 D . 3.17 -1.64 -4.45
C3' XR2 D . 2.73 -0.41 -4.91
C4' XR2 D . 1.36 -0.18 -5.04
CCX XR2 D . 0.45 -1.17 -4.70
N5' XR2 D . -0.87 -0.88 -4.85
CDX XR2 D . -1.74 -1.85 -4.51
CEX XR2 D . -1.35 -3.10 -4.04
NAX XR2 D . -0.02 -3.35 -3.91
CBX XR2 D . 0.90 -2.40 -4.23
C9' XR2 D . -2.34 -4.05 -3.71
C8' XR2 D . -3.65 -3.77 -3.87
C7' XR2 D . -4.06 -2.53 -4.34
C6' XR2 D . -3.11 -1.57 -4.66
C9X XR2 D . -1.92 -5.42 -3.19
CA' XR2 D . 2.68 -6.38 -3.70
CB' XR2 D . 1.58 -7.35 -4.15
NG' XR2 D . 1.80 -7.53 -5.61
CD' XR2 D . 0.63 -8.30 -6.10
H2 XR2 D . -5.36 -8.60 -12.30
H3 XR2 D . -6.29 -6.59 -13.40
H4 XR2 D . -4.76 -4.76 -14.08
H6 XR2 D . -0.53 -2.91 -14.42
H7 XR2 D . 1.91 -3.00 -14.08
H8 XR2 D . 2.92 -4.98 -12.99
H91 XR2 D . 2.72 -6.92 -11.71
H92 XR2 D . 1.79 -8.00 -12.79
H93 XR2 D . 1.10 -7.50 -11.23
HN XR2 D . -1.73 -8.02 -10.46
HA1 XR2 D . -1.45 -10.96 -10.50
HA2 XR2 D . -2.13 -10.26 -9.03
HB1 XR2 D . 0.42 -9.16 -10.25
HB2 XR2 D . 0.46 -10.51 -9.11
HG1 XR2 D . -1.04 -9.01 -7.73
HG2 XR2 D . -0.51 -7.80 -8.64
HD1 XR2 D . 1.66 -7.96 -7.97
HD2 XR2 D . 1.44 -9.67 -7.57
HN' XR2 D . 1.45 -4.94 -4.73
H2' XR2 D . 4.23 -1.84 -4.35
H3' XR2 D . 3.44 0.36 -5.17
H4' XR2 D . 1.00 0.78 -5.40
H8' XR2 D . -4.40 -4.50 -3.59
H7' XR2 D . -5.10 -2.32 -4.47
H6' XR2 D . -3.42 -0.60 -5.02
H91' XR2 D . -1.20 -5.29 -2.37
H92' XR2 D . -1.45 -5.99 -3.99
H93' XR2 D . -2.79 -5.95 -2.82
HA1' XR2 D . 2.81 -6.42 -2.63
HA2' XR2 D . 3.61 -6.62 -4.20
HB1' XR2 D . 0.61 -6.91 -3.97
HB2' XR2 D . 1.67 -8.28 -3.62
HG1' XR2 D . 2.63 -8.04 -5.76
HG2' XR2 D . 1.85 -6.66 -6.06
HD1' XR2 D . 0.47 -9.19 -5.50
HD2' XR2 D . -0.26 -7.67 -6.09
C1 XR2 C . 0.58 4.26 3.40
C2 XR2 C . 0.26 5.44 2.76
C3 XR2 C . -1.05 5.73 2.41
C4 XR2 C . -2.05 4.81 2.73
C12 XR2 C . -1.73 3.62 3.38
C11 XR2 C . -0.40 3.35 3.72
N5 XR2 C . -2.75 2.77 3.65
N10 XR2 C . -0.13 2.17 4.35
C13 XR2 C . -2.43 1.63 4.28
C14 XR2 C . -1.14 1.29 4.64
C6 XR2 C . -3.48 0.75 4.57
C7 XR2 C . -3.22 -0.46 5.21
C8 XR2 C . -1.92 -0.78 5.57
C9 XR2 C . -0.89 0.06 5.30
C9A XR2 C . 0.53 -0.32 5.71
C XR2 C . 2.03 4.04 3.77
O XR2 C . 2.80 3.46 3.00
N XR2 C . 2.42 4.50 4.92
CA XR2 C . 3.83 4.92 5.12
CB XR2 C . 3.76 6.44 5.26
NG XR2 C . 3.23 6.67 6.63
CD XR2 C . 3.45 8.12 6.91
N' XR2 C . 1.40 9.60 11.23
C' XR2 C . 1.78 9.11 12.37
O' XR2 C . 2.37 9.79 13.20
C1' XR2 C . 1.45 7.65 12.62
C2' XR2 C . 2.47 6.85 13.11
C3' XR2 C . 2.25 5.51 13.37
C4' XR2 C . 0.98 4.98 13.15
CCX XR2 C . -0.05 5.79 12.65
N5' XR2 C . -1.26 5.21 12.47
CDX XR2 C . -2.24 6.01 12.00
CEX XR2 C . -2.06 7.35 11.71
NAX XR2 C . -0.83 7.90 11.91
CBX XR2 C . 0.20 7.13 12.40
C9' XR2 C . -3.14 8.11 11.21
C8' XR2 C . -4.36 7.53 11.01
C7' XR2 C . -4.55 6.18 11.30
C6' XR2 C . -3.49 5.42 11.78
C9X XR2 C . -2.95 9.59 10.90
CA' XR2 C . 2.39 10.26 10.33
CB' XR2 C . 1.82 10.12 8.92
NG' XR2 C . 1.82 8.65 8.64
CD' XR2 C . 3.25 8.28 8.43
H2 XR2 C . 1.04 6.14 2.51
H3 XR2 C . -1.30 6.64 1.91
H4 XR2 C . -3.08 5.02 2.46
H6 XR2 C . -4.49 1.02 4.29
H7 XR2 C . -4.04 -1.13 5.43
H8 XR2 C . -1.72 -1.72 6.06
H91 XR2 C . 0.66 -1.40 5.63
H92 XR2 C . 0.70 -0.02 6.74
H93 XR2 C . 1.24 0.18 5.06
HN XR2 C . 1.78 4.58 5.66
HA1 XR2 C . 4.42 4.65 4.25
HA2 XR2 C . 4.24 4.47 6.02
HB1 XR2 C . 3.09 6.86 4.52
HB2 XR2 C . 4.74 6.88 5.16
HG1 XR2 C . 3.70 6.12 7.28
HG2 XR2 C . 2.26 6.47 6.66
HD1 XR2 C . 2.72 8.73 6.38
HD2 XR2 C . 4.45 8.40 6.63
HN' XR2 C . 0.46 9.55 10.95
H2' XR2 C . 3.45 7.28 13.27
H3' XR2 C . 3.04 4.88 13.74
H4' XR2 C . 0.79 3.94 13.35
H8' XR2 C . -5.17 8.11 10.64
H7' XR2 C . -5.52 5.73 11.14
H6' XR2 C . -3.63 4.38 12.01
H91' XR2 C . -3.92 10.09 10.93
H92' XR2 C . -2.52 9.69 9.91
H93' XR2 C . -2.28 10.03 11.64
HA1' XR2 C . 3.35 9.76 10.40
HA2' XR2 C . 2.50 11.30 10.59
HB1' XR2 C . 2.45 10.63 8.20
HB2' XR2 C . 0.82 10.51 8.88
HG1' XR2 C . 1.28 8.47 7.83
HG2' XR2 C . 1.44 8.15 9.39
HD1' XR2 C . 3.90 9.05 8.80
HD2' XR2 C . 3.47 7.33 8.92
C1 XR2 D . -3.83 -8.23 -12.22
C2 XR2 D . -5.17 -8.51 -12.39
C3 XR2 D . -6.03 -7.58 -12.95
C4 XR2 D . -5.52 -6.34 -13.33
C12 XR2 D . -4.16 -6.05 -13.16
C11 XR2 D . -3.32 -7.01 -12.61
N5 XR2 D . -3.73 -4.84 -13.56
N10 XR2 D . -1.99 -6.69 -12.46
C13 XR2 D . -2.43 -4.57 -13.39
C14 XR2 D . -1.53 -5.47 -12.85
C6 XR2 D . -1.97 -3.31 -13.80
C7 XR2 D . -0.63 -2.96 -13.66
C8 XR2 D . 0.26 -3.88 -13.11
C9 XR2 D . -0.17 -5.10 -12.70
C9A XR2 D . 0.83 -6.09 -12.11
C XR2 D . -2.96 -9.30 -11.61
O XR2 D . -2.71 -10.35 -12.20
N XR2 D . -2.48 -9.07 -10.42
CA XR2 D . -2.21 -10.19 -9.49
CB XR2 D . -0.80 -9.92 -8.94
NG XR2 D . -0.99 -8.94 -7.82
CD XR2 D . 0.23 -9.07 -6.97
N' XR2 D . 2.04 -4.99 -4.10
C' XR2 D . 2.54 -3.90 -3.56
O' XR2 D . 3.45 -3.94 -2.74
C1' XR2 D . 1.94 -2.59 -4.02
C2' XR2 D . 2.81 -1.60 -4.42
C3' XR2 D . 2.33 -0.38 -4.89
C4' XR2 D . 0.96 -0.19 -4.96
CCX XR2 D . 0.07 -1.20 -4.56
N5' XR2 D . -1.25 -0.94 -4.65
CDX XR2 D . -2.09 -1.93 -4.27
CEX XR2 D . -1.65 -3.14 -3.79
NAX XR2 D . -0.31 -3.37 -3.71
CBX XR2 D . 0.58 -2.40 -4.09
C9' XR2 D . -2.59 -4.12 -3.40
C8' XR2 D . -3.92 -3.87 -3.50
C7' XR2 D . -4.37 -2.65 -3.98
C6' XR2 D . -3.46 -1.68 -4.36
C9X XR2 D . -2.13 -5.47 -2.87
CA' XR2 D . 2.87 -6.23 -4.18
CB' XR2 D . 1.85 -7.36 -4.39
NG' XR2 D . 1.46 -7.28 -5.84
CD' XR2 D . 0.11 -7.95 -5.92
H2 XR2 D . -5.55 -9.48 -12.09
H3 XR2 D . -7.07 -7.80 -13.07
H4 XR2 D . -6.17 -5.61 -13.76
H6 XR2 D . -2.67 -2.60 -14.23
H7 XR2 D . -0.29 -1.99 -13.97
H8 XR2 D . 1.30 -3.62 -12.99
H91 XR2 D . 1.14 -6.80 -12.88
H92 XR2 D . 0.35 -6.64 -11.30
H93 XR2 D . 1.69 -5.56 -11.73
HN XR2 D . -2.30 -8.14 -10.14
HA1 XR2 D . -2.22 -11.13 -10.02
HA2 XR2 D . -2.93 -10.19 -8.69
HB1 XR2 D . -0.17 -9.49 -9.71
HB2 XR2 D . -0.37 -10.83 -8.57
HG1 XR2 D . -1.79 -9.16 -7.29
HG2 XR2 D . -1.07 -8.02 -8.17
HD1 XR2 D . 1.12 -8.94 -7.57
HD2 XR2 D . 0.24 -10.03 -6.49
HN' XR2 D . 1.13 -4.98 -4.45
H2' XR2 D . 3.87 -1.76 -4.35
H3' XR2 D . 3.01 0.40 -5.20
H4' XR2 D . 0.56 0.75 -5.33
H8' XR2 D . -4.63 -4.60 -3.17
H7' XR2 D . -5.43 -2.47 -4.09
H6' XR2 D . -3.81 -0.72 -4.73
H91' XR2 D . -2.14 -5.46 -1.78
H92' XR2 D . -1.11 -5.66 -3.21
H93' XR2 D . -2.78 -6.26 -3.23
HA1' XR2 D . 3.42 -6.38 -3.27
HA2' XR2 D . 3.54 -6.17 -5.02
HB1' XR2 D . 0.99 -7.20 -3.77
HB2' XR2 D . 2.30 -8.31 -4.18
HG1' XR2 D . 2.13 -7.75 -6.39
HG2' XR2 D . 1.40 -6.35 -6.14
HD1' XR2 D . -0.16 -8.36 -4.98
HD2' XR2 D . -0.63 -7.23 -6.25
C1 XR2 C . 0.31 3.31 3.84
C2 XR2 C . -0.05 4.55 3.34
C3 XR2 C . -1.37 4.82 3.01
C4 XR2 C . -2.33 3.83 3.20
C12 XR2 C . -1.97 2.59 3.71
C11 XR2 C . -0.64 2.33 4.02
N5 XR2 C . -2.96 1.68 3.86
N10 XR2 C . -0.32 1.09 4.51
C13 XR2 C . -2.60 0.48 4.34
C14 XR2 C . -1.30 0.15 4.68
C6 XR2 C . -3.62 -0.47 4.51
C7 XR2 C . -3.32 -1.73 5.02
C8 XR2 C . -2.01 -2.05 5.35
C9 XR2 C . -1.02 -1.14 5.19
C9A XR2 C . 0.42 -1.51 5.56
C XR2 C . 1.76 3.09 4.18
O XR2 C . 2.52 2.52 3.40
N XR2 C . 2.17 3.54 5.34
CA XR2 C . 3.54 4.12 5.48
CB XR2 C . 3.78 4.23 6.99
NG XR2 C . 2.62 5.00 7.56
CD XR2 C . 3.24 6.00 8.49
N' XR2 C . 1.50 10.20 10.36
C' XR2 C . 1.72 9.70 11.54
O' XR2 C . 2.49 10.24 12.34
C1' XR2 C . 0.97 8.44 11.90
C2' XR2 C . 1.73 7.34 12.27
C3' XR2 C . 1.11 6.14 12.59
C4' XR2 C . -0.28 6.05 12.54
CCX XR2 C . -1.04 7.17 12.16
N5' XR2 C . -2.38 7.02 12.13
CDX XR2 C . -3.11 8.11 11.78
CEX XR2 C . -2.54 9.32 11.44
NAX XR2 C . -1.17 9.44 11.49
CBX XR2 C . -0.40 8.37 11.85
C9' XR2 C . -3.37 10.41 11.09
C8' XR2 C . -4.72 10.26 11.06
C7' XR2 C . -5.30 9.04 11.38
C6' XR2 C . -4.49 7.97 11.74
C9X XR2 C . -2.75 11.75 10.72
CA' XR2 C . 2.62 10.32 9.37
CB' XR2 C . 3.22 8.92 9.28
NG' XR2 C . 2.59 8.29 8.07
CD' XR2 C . 3.55 7.23 7.62
H2 XR2 C . 0.72 5.30 3.20
H3 XR2 C . -1.64 5.79 2.62
H4 XR2 C . -3.37 4.04 2.95
H6 XR2 C . -4.63 -0.21 4.25
H7 XR2 C . -4.11 -2.45 5.15
H8 XR2 C . -1.78 -3.04 5.73
H91 XR2 C . 0.58 -1.33 6.62
H92 XR2 C . 1.11 -0.90 4.98
H93 XR2 C . 0.58 -2.56 5.34
HN XR2 C . 1.56 3.49 6.12
HA1 XR2 C . 3.57 5.09 5.02
HA2 XR2 C . 4.27 3.46 5.03
HB1 XR2 C . 4.70 4.76 7.18
HB2 XR2 C . 3.82 3.25 7.44
HG1 XR2 C . 2.04 4.40 8.07
HG2 XR2 C . 2.11 5.45 6.86
HD1 XR2 C . 4.15 5.61 8.92
HD2 XR2 C . 2.54 6.27 9.27
HN' XR2 C . 0.60 10.49 10.10
H2' XR2 C . 2.81 7.42 12.30
H3' XR2 C . 1.70 5.29 12.87
H4' XR2 C . -0.78 5.13 12.78
H8' XR2 C . -5.34 11.10 10.80
H7' XR2 C . -6.37 8.92 11.36
H6' XR2 C . -4.93 7.01 11.99
H91' XR2 C . -2.47 12.28 11.64
H92' XR2 C . -3.47 12.34 10.16
H93' XR2 C . -1.86 11.59 10.11
HA1' XR2 C . 3.35 11.03 9.75
HA2' XR2 C . 2.24 10.65 8.42
HB1' XR2 C . 2.99 8.35 10.16
HB2' XR2 C . 4.29 8.99 9.13
HG1' XR2 C . 2.46 8.96 7.35
HG2' XR2 C . 1.72 7.91 8.31
HD1' XR2 C . 3.39 7.01 6.58
HD2' XR2 C . 4.56 7.56 7.78
C1 XR2 D . -3.13 -6.98 -12.89
C2 XR2 D . -4.38 -6.53 -13.29
C3 XR2 D . -4.52 -5.36 -14.00
C4 XR2 D . -3.38 -4.62 -14.32
C12 XR2 D . -2.12 -5.06 -13.92
C11 XR2 D . -2.00 -6.25 -13.21
N5 XR2 D . -1.06 -4.30 -14.26
N10 XR2 D . -0.75 -6.66 -12.82
C13 XR2 D . 0.16 -4.74 -13.87
C14 XR2 D . 0.35 -5.91 -13.15
C6 XR2 D . 1.25 -3.95 -14.21
C7 XR2 D . 2.54 -4.35 -13.85
C8 XR2 D . 2.72 -5.53 -13.13
C9 XR2 D . 1.67 -6.29 -12.79
C9A XR2 D . 1.88 -7.57 -12.00
C XR2 D . -3.07 -8.27 -12.12
O XR2 D . -3.70 -9.26 -12.47
N XR2 D . -2.31 -8.28 -11.06
CA XR2 D . -2.47 -9.35 -10.02
CB XR2 D . -1.68 -8.85 -8.81
NG XR2 D . -2.62 -7.96 -8.05
CD XR2 D . -1.75 -6.98 -7.33
N' XR2 D . 1.03 -5.03 -4.37
C' XR2 D . 1.53 -4.01 -3.72
O' XR2 D . 2.40 -4.14 -2.87
C1' XR2 D . 0.97 -2.65 -4.09
C2' XR2 D . 1.88 -1.63 -4.32
C3' XR2 D . 1.45 -0.36 -4.68
C4' XR2 D . 0.08 -0.13 -4.81
CCX XR2 D . -0.84 -1.16 -4.57
N5' XR2 D . -2.15 -0.86 -4.71
CDX XR2 D . -3.02 -1.86 -4.48
CEX XR2 D . -2.64 -3.14 -4.11
NAX XR2 D . -1.30 -3.40 -3.98
CBX XR2 D . -0.38 -2.41 -4.21
C9' XR2 D . -3.61 -4.13 -3.89
C8' XR2 D . -4.93 -3.84 -4.04
C7' XR2 D . -5.33 -2.56 -4.40
C6' XR2 D . -4.38 -1.58 -4.62
C9X XR2 D . -3.19 -5.53 -3.47
CA' XR2 D . 1.82 -6.29 -4.50
CB' XR2 D . 0.78 -7.38 -4.76
NG' XR2 D . 0.37 -7.23 -6.18
CD' XR2 D . -1.01 -7.81 -6.27
H2 XR2 D . -5.25 -7.11 -13.04
H3 XR2 D . -5.49 -5.00 -14.31
H4 XR2 D . -3.46 -3.70 -14.88
H6 XR2 D . 1.11 -3.04 -14.77
H7 XR2 D . 3.40 -3.73 -14.10
H8 XR2 D . 3.72 -5.83 -12.84
H91 XR2 D . 2.95 -7.78 -11.93
H92 XR2 D . 1.38 -8.40 -12.49
H93 XR2 D . 1.48 -7.45 -10.99
HN XR2 D . -1.63 -7.59 -10.94
HA1 XR2 D . -2.07 -10.28 -10.37
HA2 XR2 D . -3.52 -9.46 -9.77
HB1 XR2 D . -0.81 -8.28 -9.13
HB2 XR2 D . -1.38 -9.68 -8.19
HG1 XR2 D . -3.15 -8.48 -7.41
HG2 XR2 D . -3.22 -7.48 -8.67
HD1 XR2 D . -2.36 -6.22 -6.86
HD2 XR2 D . -1.05 -6.53 -8.01
HN' XR2 D . 0.14 -4.97 -4.75
H2' XR2 D . 2.94 -1.82 -4.22
H3' XR2 D . 2.16 0.43 -4.86
H4' XR2 D . -0.28 0.85 -5.08
H8' XR2 D . -5.66 -4.60 -3.84
H7' XR2 D . -6.37 -2.36 -4.55
H6' XR2 D . -4.71 -0.58 -4.88
H91' XR2 D . -3.97 -5.99 -2.87
H92' XR2 D . -2.27 -5.48 -2.89
H93' XR2 D . -3.02 -6.14 -4.36
HA1' XR2 D . 2.36 -6.50 -3.58
HA2' XR2 D . 2.51 -6.22 -5.33
HB1' XR2 D . -0.08 -7.25 -4.11
HB2' XR2 D . 1.21 -8.36 -4.59
HG1' XR2 D . 0.98 -7.73 -6.77
HG2' XR2 D . 0.38 -6.29 -6.45
HD1' XR2 D . -0.96 -8.84 -6.57
HD2' XR2 D . -1.50 -7.72 -5.32
C1 XR2 C . -2.34 -7.26 -13.07
C2 XR2 C . -3.69 -7.55 -13.08
C3 XR2 C . -4.61 -6.60 -13.50
C4 XR2 C . -4.15 -5.35 -13.92
C12 XR2 C . -2.78 -5.07 -13.92
C11 XR2 C . -1.88 -6.03 -13.49
N5 XR2 C . -2.41 -3.84 -14.33
N10 XR2 C . -0.55 -5.71 -13.50
C13 XR2 C . -1.08 -3.57 -14.33
C14 XR2 C . -0.13 -4.49 -13.92
C6 XR2 C . -0.69 -2.31 -14.76
C7 XR2 C . 0.66 -1.97 -14.78
C8 XR2 C . 1.61 -2.89 -14.38
C9 XR2 C . 1.23 -4.12 -13.95
C9A XR2 C . 2.29 -5.14 -13.53
C XR2 C . -1.40 -8.33 -12.57
O XR2 C . -0.95 -9.20 -13.32
N XR2 C . -1.10 -8.28 -11.30
CA XR2 C . 0.05 -9.08 -10.78
CB XR2 C . -0.50 -9.76 -9.52
NG XR2 C . -0.44 -8.73 -8.43
CD XR2 C . 0.91 -8.88 -7.81
N' XR2 C . 2.14 -5.06 -4.39
C' XR2 C . 2.63 -3.93 -3.96
O' XR2 C . 3.60 -3.89 -3.21
C1' XR2 C . 1.95 -2.67 -4.44
C2' XR2 C . 2.75 -1.64 -4.92
C3' XR2 C . 2.18 -0.47 -5.40
C4' XR2 C . 0.79 -0.34 -5.38
CCX XR2 C . -0.02 -1.38 -4.89
N5' XR2 C . -1.35 -1.17 -4.91
CDX XR2 C . -2.11 -2.19 -4.43
CEX XR2 C . -1.59 -3.37 -3.94
NAX XR2 C . -0.24 -3.53 -3.94
CBX XR2 C . 0.58 -2.54 -4.42
C9' XR2 C . -2.46 -4.37 -3.46
C8' XR2 C . -3.80 -4.17 -3.47
C7' XR2 C . -4.33 -3.00 -3.95
C6' XR2 C . -3.50 -2.01 -4.44
C9X XR2 C . -1.89 -5.68 -2.92
CA' XR2 C . 2.94 -6.31 -4.31
CB' XR2 C . 1.95 -7.45 -4.59
NG' XR2 C . 1.76 -7.44 -6.07
CD' XR2 C . 0.75 -8.51 -6.33
H2 XR2 C . -4.03 -8.52 -12.75
H3 XR2 C . -5.67 -6.83 -13.50
H4 XR2 C . -4.86 -4.61 -14.25
H6 XR2 C . -1.43 -1.59 -15.09
H7 XR2 C . 0.97 -0.98 -15.11
H8 XR2 C . 2.66 -2.63 -14.39
H91 XR2 C . 1.81 -6.02 -13.13
H92 XR2 C . 2.94 -4.70 -12.77
H93 XR2 C . 2.90 -5.42 -14.40
HN XR2 C . -1.62 -7.73 -10.70
HA1 XR2 C . 0.88 -8.44 -10.53
HA2 XR2 C . 0.35 -9.83 -11.50
HB1 XR2 C . 0.11 -10.62 -9.25
HB2 XR2 C . -1.53 -10.08 -9.68
HG1 XR2 C . -1.15 -8.91 -7.77
HG2 XR2 C . -0.55 -7.83 -8.79
HD1 XR2 C . 1.61 -8.22 -8.29
HD2 XR2 C . 1.26 -9.90 -7.90
HN' XR2 C . 1.23 -5.08 -4.76
H2' XR2 C . 3.82 -1.77 -4.92
H3' XR2 C . 2.81 0.32 -5.78
H4' XR2 C . 0.34 0.56 -5.76
H8' XR2 C . -4.46 -4.95 -3.09
H7' XR2 C . -5.41 -2.87 -3.99
H6' XR2 C . -3.93 -1.08 -4.81
H91' XR2 C . -1.26 -6.15 -3.68
H92' XR2 C . -2.70 -6.35 -2.64
H93' XR2 C . -1.28 -5.47 -2.04
HA1' XR2 C . 3.39 -6.42 -3.33
HA2' XR2 C . 3.72 -6.29 -5.07
HB1' XR2 C . 1.02 -7.24 -4.08
HB2' XR2 C . 2.37 -8.38 -4.26
HG1' XR2 C . 2.60 -7.65 -6.51
HG2' XR2 C . 1.42 -6.58 -6.37
HD1' XR2 C . 0.95 -9.38 -5.70
HD2' XR2 C . -0.25 -8.14 -6.14
C1 XR2 D . 0.90 4.44 3.93
C2 XR2 D . 0.60 5.67 3.39
C3 XR2 D . -0.69 5.98 3.01
C4 XR2 D . -1.69 5.03 3.16
C12 XR2 D . -1.38 3.77 3.71
C11 XR2 D . -0.09 3.49 4.09
N5 XR2 D . -2.41 2.90 3.83
N10 XR2 D . 0.17 2.25 4.62
C13 XR2 D . -2.11 1.70 4.35
C14 XR2 D . -0.83 1.34 4.76
C6 XR2 D . -3.15 0.78 4.47
C7 XR2 D . -2.92 -0.48 5.01
C8 XR2 D . -1.64 -0.83 5.42
C9 XR2 D . -0.62 0.05 5.30
C9A XR2 D . 0.79 -0.35 5.75
C XR2 D . 2.33 4.18 4.34
O XR2 D . 2.90 3.13 4.03
N XR2 D . 2.93 5.12 5.02
CA XR2 D . 3.75 4.77 6.22
CB XR2 D . 3.94 6.09 6.97
NG XR2 D . 2.89 6.08 8.03
CD XR2 D . 3.11 7.33 8.82
N' XR2 D . 3.52 10.21 10.18
C' XR2 D . 3.50 9.93 11.46
O' XR2 D . 3.00 10.71 12.27
C1' XR2 D . 4.10 8.61 11.90
C2' XR2 D . 5.48 8.48 11.79
C3' XR2 D . 6.11 7.32 12.23
C4' XR2 D . 5.33 6.30 12.78
CCX XR2 D . 3.94 6.44 12.88
N5' XR2 D . 3.26 5.41 13.43
CDX XR2 D . 1.92 5.56 13.52
CEX XR2 D . 1.25 6.68 13.10
NAX XR2 D . 1.97 7.71 12.55
CBX XR2 D . 3.33 7.61 12.44
C9' XR2 D . -0.16 6.75 13.24
C8' XR2 D . -0.84 5.72 13.79
C7' XR2 D . -0.18 4.58 14.22
C6' XR2 D . 1.20 4.50 14.09
C9X XR2 D . -0.91 7.99 12.75
CA' XR2 D . 2.62 11.26 9.64
CB' XR2 D . 2.13 10.74 8.28
NG' XR2 D . 1.72 9.31 8.48
CD' XR2 D . 2.81 8.48 7.86
H2 XR2 D . 1.39 6.39 3.25
H3 XR2 D . -0.93 6.95 2.59
H4 XR2 D . -2.71 5.25 2.87
H6 XR2 D . -4.15 1.05 4.16
H7 XR2 D . -3.73 -1.20 5.09
H8 XR2 D . -1.45 -1.81 5.84
H91 XR2 D . 1.52 0.10 5.09
H92 XR2 D . 0.89 -1.44 5.70
H93 XR2 D . 0.96 -0.01 6.77
HN XR2 D . 2.85 6.05 4.74
HA1 XR2 D . 4.70 4.36 5.91
HA2 XR2 D . 3.22 4.06 6.84
HB1 XR2 D . 3.79 6.93 6.30
HB2 XR2 D . 4.93 6.12 7.41
HG1 XR2 D . 2.99 5.29 8.60
HG2 XR2 D . 2.00 6.10 7.62
HD1 XR2 D . 4.14 7.38 9.15
HD2 XR2 D . 2.45 7.34 9.68
HN' XR2 D . 4.13 9.72 9.59
H2' XR2 D . 6.06 9.28 11.36
H3' XR2 D . 7.17 7.22 12.15
H4' XR2 D . 5.81 5.39 13.13
H8' XR2 D . -1.92 5.78 13.88
H7' XR2 D . -0.73 3.75 14.65
H6' XR2 D . 1.73 3.61 14.42
H91' XR2 D . -0.93 7.99 11.66
H92' XR2 D . -0.39 8.88 13.10
H93' XR2 D . -1.92 7.97 13.13
HA1' XR2 D . 3.17 12.18 9.51
HA2' XR2 D . 1.78 11.41 10.30
HB1' XR2 D . 2.93 10.79 7.56
HB2' XR2 D . 1.28 11.32 7.94
HG1' XR2 D . 0.87 9.13 8.03
HG2' XR2 D . 1.62 9.11 9.44
HD1' XR2 D . 2.47 8.10 6.91
HD2' XR2 D . 3.69 9.09 7.72
C1 XR2 C . -3.19 -7.20 -13.14
C2 XR2 C . -4.50 -7.07 -13.60
C3 XR2 C . -4.88 -5.95 -14.34
C4 XR2 C . -3.93 -4.97 -14.61
C12 XR2 C . -2.63 -5.10 -14.15
C11 XR2 C . -2.26 -6.22 -13.42
N5 XR2 C . -1.76 -4.10 -14.46
N10 XR2 C . -0.96 -6.32 -12.98
C13 XR2 C . -0.49 -4.24 -14.01
C14 XR2 C . -0.07 -5.33 -13.27
C6 XR2 C . 0.41 -3.22 -14.31
C7 XR2 C . 1.73 -3.31 -13.88
C8 XR2 C . 2.15 -4.41 -13.14
C9 XR2 C . 1.28 -5.40 -12.84
C9A XR2 C . 1.75 -6.61 -12.03
C XR2 C . -2.85 -8.42 -12.34
O XR2 C . -3.11 -9.55 -12.74
N XR2 C . -2.27 -8.22 -11.19
CA XR2 C . -1.55 -9.34 -10.51
CB XR2 C . -1.72 -9.05 -9.01
NG XR2 C . -0.73 -7.97 -8.68
CD XR2 C . 0.50 -8.68 -8.21
N' XR2 C . 1.29 -5.72 -3.96
C' XR2 C . 1.72 -4.73 -3.22
O' XR2 C . 2.52 -4.90 -2.30
C1' XR2 C . 1.19 -3.35 -3.57
C2' XR2 C . 2.11 -2.32 -3.68
C3' XR2 C . 1.70 -1.05 -4.02
C4' XR2 C . 0.34 -0.80 -4.24
CCX XR2 C . -0.58 -1.85 -4.13
N5' XR2 C . -1.88 -1.55 -4.35
CDX XR2 C . -2.77 -2.56 -4.24
CEX XR2 C . -2.40 -3.85 -3.90
NAX XR2 C . -1.08 -4.12 -3.68
CBX XR2 C . -0.14 -3.12 -3.78
C9' XR2 C . -3.40 -4.86 -3.79
C8' XR2 C . -4.69 -4.55 -4.03
C7' XR2 C . -5.07 -3.26 -4.37
C6' XR2 C . -4.11 -2.27 -4.47
C9X XR2 C . -3.00 -6.28 -3.42
CA' XR2 C . 2.07 -6.99 -4.02
CB' XR2 C . 1.10 -8.02 -4.61
NG' XR2 C . 1.08 -7.75 -6.07
CD' XR2 C . 0.33 -8.87 -6.69
H2 XR2 C . -5.21 -7.84 -13.38
H3 XR2 C . -5.89 -5.86 -14.69
H4 XR2 C . -4.22 -4.10 -15.18
H6 XR2 C . 0.08 -2.37 -14.89
H7 XR2 C . 2.43 -2.51 -14.12
H8 XR2 C . 3.17 -4.47 -12.81
H91 XR2 C . 2.66 -6.36 -11.50
H92 XR2 C . 1.95 -7.44 -12.71
H93 XR2 C . 0.98 -6.90 -11.33
HN XR2 C . -2.30 -7.33 -10.77
HA1 XR2 C . -0.50 -9.32 -10.78
HA2 XR2 C . -2.00 -10.28 -10.77
HB1 XR2 C . -1.50 -9.94 -8.43
HB2 XR2 C . -2.72 -8.72 -8.80
HG1 XR2 C . -1.09 -7.39 -7.97
HG2 XR2 C . -0.53 -7.43 -9.47
HD1 XR2 C . 1.38 -8.08 -8.40
HD2 XR2 C . 0.60 -9.64 -8.70
HN' XR2 C . 0.45 -5.63 -4.46
H2' XR2 C . 3.16 -2.53 -3.51
H3' XR2 C . 2.42 -0.24 -4.10
H4' XR2 C . 0.01 0.18 -4.52
H8' XR2 C . -5.44 -5.32 -3.93
H7' XR2 C . -6.10 -3.04 -4.59
H6' XR2 C . -4.42 -1.26 -4.72
H91' XR2 C . -3.43 -6.53 -2.46
H92' XR2 C . -1.91 -6.35 -3.36
H93' XR2 C . -3.36 -6.97 -4.18
HA1' XR2 C . 2.39 -7.30 -3.04
HA2' XR2 C . 2.92 -6.87 -4.67
HB1' XR2 C . 0.11 -7.89 -4.19
HB2' XR2 C . 1.46 -9.03 -4.42
HG1' XR2 C . 2.00 -7.72 -6.43
HG2' XR2 C . 0.64 -6.89 -6.26
HD1' XR2 C . 0.74 -9.82 -6.38
HD2' XR2 C . -0.72 -8.81 -6.42
C1 XR2 D . -0.42 3.98 3.71
C2 XR2 D . -0.79 5.23 3.26
C3 XR2 D . -2.11 5.52 2.97
C4 XR2 D . -3.07 4.52 3.12
C12 XR2 D . -2.69 3.25 3.57
C11 XR2 D . -1.36 2.98 3.86
N5 XR2 D . -3.68 2.34 3.71
N10 XR2 D . -1.03 1.74 4.31
C13 XR2 D . -3.30 1.12 4.15
C14 XR2 D . -2.00 0.79 4.45
C6 XR2 D . -4.30 0.15 4.28
C7 XR2 D . -3.99 -1.13 4.73
C8 XR2 D . -2.67 -1.45 5.04
C9 XR2 D . -1.68 -0.52 4.91
C9A XR2 D . -0.24 -0.89 5.25
C XR2 D . 1.04 3.76 4.01
O XR2 D . 1.60 2.70 3.74
N XR2 D . 1.69 4.75 4.57
CA XR2 D . 3.03 4.53 5.18
CB XR2 D . 2.74 3.66 6.42
NG XR2 D . 1.96 4.54 7.34
CD XR2 D . 2.92 5.61 7.79
N' XR2 D . 3.14 9.96 9.88
C' XR2 D . 3.70 9.79 11.05
O' XR2 D . 4.43 10.64 11.55
C1' XR2 D . 3.41 8.48 11.75
C2' XR2 D . 4.49 7.77 12.24
C3' XR2 D . 4.30 6.56 12.90
C4' XR2 D . 3.00 6.06 13.04
CCX XR2 D . 1.92 6.78 12.52
N5' XR2 D . 0.70 6.24 12.70
CDX XR2 D . -0.35 6.93 12.20
CEX XR2 D . -0.21 8.15 11.54
NAX XR2 D . 1.05 8.66 11.39
CBX XR2 D . 2.13 7.99 11.89
C9' XR2 D . -1.35 8.82 11.06
C8' XR2 D . -2.59 8.28 11.23
C7' XR2 D . -2.75 7.07 11.89
C6' XR2 D . -1.62 6.39 12.38
C9X XR2 D . -1.21 10.15 10.34
CA' XR2 D . 3.25 8.91 8.83
CB' XR2 D . 1.93 9.00 8.05
NG' XR2 D . 1.48 7.59 7.89
CD' XR2 D . 2.52 6.91 7.05
H2 XR2 D . -0.04 5.99 3.14
H3 XR2 D . -2.39 6.50 2.62
H4 XR2 D . -4.10 4.73 2.90
H6 XR2 D . -5.33 0.40 4.05
H7 XR2 D . -4.77 -1.87 4.84
H8 XR2 D . -2.42 -2.43 5.40
H91 XR2 D . 0.43 -0.23 4.70
H92 XR2 D . -0.06 -1.92 4.96
H93 XR2 D . -0.08 -0.77 6.31
HN XR2 D . 1.29 5.64 4.58
HA1 XR2 D . 3.47 5.46 5.47
HA2 XR2 D . 3.67 3.99 4.50
HB1 XR2 D . 3.67 3.37 6.88
HB2 XR2 D . 2.16 2.80 6.15
HG1 XR2 D . 1.65 4.03 8.11
HG2 XR2 D . 1.19 4.94 6.87
HD1 XR2 D . 3.94 5.33 7.54
HD2 XR2 D . 2.83 5.75 8.86
HN' XR2 D . 2.64 10.79 9.70
H2' XR2 D . 5.49 8.17 12.13
H3' XR2 D . 5.14 6.01 13.29
H4' XR2 D . 2.84 5.13 13.55
H8' XR2 D . -3.46 8.80 10.86
H7' XR2 D . -3.73 6.65 12.03
H6' XR2 D . -1.74 5.45 12.88
H91' XR2 D . -1.83 10.16 9.45
H92' XR2 D . -0.16 10.30 10.05
H93' XR2 D . -1.51 10.96 11.00
HA1' XR2 D . 3.35 7.94 9.29
HA2' XR2 D . 4.09 9.12 8.19
HB1' XR2 D . 2.10 9.45 7.08
HB2' XR2 D . 1.21 9.57 8.61
HG1' XR2 D . 0.62 7.56 7.43
HG2' XR2 D . 1.39 7.16 8.77
HD1' XR2 D . 2.12 6.67 6.08
HD2' XR2 D . 3.39 7.55 6.94
C1 XR2 C . -0.36 3.99 2.82
C2 XR2 C . -0.72 5.23 2.30
C3 XR2 C . -2.06 5.60 2.20
C4 XR2 C . -3.03 4.72 2.65
C12 XR2 C . -2.68 3.47 3.17
C11 XR2 C . -1.33 3.12 3.26
N5 XR2 C . -3.68 2.66 3.58
N10 XR2 C . -1.02 1.89 3.77
C13 XR2 C . -3.32 1.46 4.08
C14 XR2 C . -2.00 1.04 4.20
C6 XR2 C . -4.35 0.62 4.50
C7 XR2 C . -4.05 -0.63 5.02
C8 XR2 C . -2.73 -1.05 5.13
C9 XR2 C . -1.72 -0.23 4.73
C9A XR2 C . -0.28 -0.71 4.86
C XR2 C . 1.11 3.70 2.94
O XR2 C . 1.84 3.62 1.96
N XR2 C . 1.56 3.50 4.15
CA XR2 C . 2.90 4.04 4.54
CB XR2 C . 3.21 3.41 5.91
NG XR2 C . 2.30 4.08 6.90
CD XR2 C . 3.07 5.25 7.44
N' XR2 C . 5.56 7.82 9.79
C' XR2 C . 5.18 8.33 10.93
O' XR2 C . 5.77 9.28 11.44
C1' XR2 C . 3.97 7.70 11.59
C2' XR2 C . 4.17 6.51 12.27
C3' XR2 C . 3.11 5.88 12.90
C4' XR2 C . 1.85 6.45 12.84
CCX XR2 C . 1.66 7.66 12.15
N5' XR2 C . 0.40 8.16 12.14
CDX XR2 C . 0.22 9.31 11.47
CEX XR2 C . 1.24 9.99 10.83
NAX XR2 C . 2.50 9.45 10.86
CBX XR2 C . 2.73 8.28 11.53
C9' XR2 C . 0.97 11.20 10.15
C8' XR2 C . -0.29 11.71 10.13
C7' XR2 C . -1.33 11.04 10.78
C6' XR2 C . -1.07 9.85 11.45
C9X XR2 C . 2.09 11.95 9.45
CA' XR2 C . 4.62 6.99 8.98
CB' XR2 C . 3.78 8.01 8.19
NG' XR2 C . 2.39 7.45 8.15
CD' XR2 C . 2.35 6.52 6.98
H2 XR2 C . 0.06 5.90 1.95
H3 XR2 C . -2.33 6.56 1.79
H4 XR2 C . -4.08 4.98 2.58
H6 XR2 C . -5.37 0.95 4.44
H7 XR2 C . -4.86 -1.29 5.34
H8 XR2 C . -2.50 -2.03 5.53
H91 XR2 C . 0.36 0.14 5.11
H92 XR2 C . 0.06 -1.12 3.90
H93 XR2 C . -0.21 -1.46 5.63
HN XR2 C . 1.02 3.02 4.81
HA1 XR2 C . 2.86 5.12 4.63
HA2 XR2 C . 3.65 3.76 3.82
HB1 XR2 C . 4.24 3.58 6.18
HB2 XR2 C . 3.01 2.35 5.88
HG1 XR2 C . 2.08 3.45 7.63
HG2 XR2 C . 1.47 4.36 6.46
HD1 XR2 C . 4.08 5.24 7.05
HD2 XR2 C . 3.09 5.20 8.52
HN' XR2 C . 6.47 7.98 9.45
H2' XR2 C . 5.16 6.08 12.30
H3' XR2 C . 3.27 4.95 13.43
H4' XR2 C . 1.01 5.98 13.32
H8' XR2 C . -0.49 12.64 9.61
H7' XR2 C . -2.32 11.45 10.77
H6' XR2 C . -1.87 9.33 11.95
H91' XR2 C . 2.92 11.26 9.25
H92' XR2 C . 2.44 12.76 10.07
H93' XR2 C . 1.73 12.35 8.49
HA1' XR2 C . 3.99 6.40 9.63
HA2' XR2 C . 5.16 6.35 8.30
HB1' XR2 C . 4.17 8.11 7.19
HB2' XR2 C . 3.78 8.97 8.70
HG1' XR2 C . 1.74 8.17 8.02
HG2' XR2 C . 2.18 6.96 8.97
HD1' XR2 C . 1.33 6.31 6.70
HD2' XR2 C . 2.87 6.97 6.14
C1 XR2 D . -1.34 -6.09 -12.64
C2 XR2 D . -2.70 -6.31 -12.65
C3 XR2 D . -3.56 -5.38 -13.21
C4 XR2 D . -3.03 -4.21 -13.76
C12 XR2 D . -1.66 -3.98 -13.73
C11 XR2 D . -0.81 -4.93 -13.17
N5 XR2 D . -1.21 -2.82 -14.28
N10 XR2 D . 0.54 -4.68 -13.18
C13 XR2 D . 0.11 -2.62 -14.26
C14 XR2 D . 1.02 -3.52 -13.72
C6 XR2 D . 0.58 -1.43 -14.82
C7 XR2 D . 1.95 -1.15 -14.83
C8 XR2 D . 2.84 -2.06 -14.29
C9 XR2 D . 2.40 -3.22 -13.75
C9A XR2 D . 3.40 -4.22 -13.16
C XR2 D . -0.46 -7.16 -12.02
O XR2 D . 0.60 -7.48 -12.54
N XR2 D . -0.90 -7.72 -10.92
CA XR2 D . 0.07 -8.40 -10.00
CB XR2 D . -0.78 -8.88 -8.81
NG XR2 D . -1.30 -7.65 -8.15
CD XR2 D . -1.57 -8.04 -6.73
N' XR2 D . 1.21 -4.50 -4.44
C' XR2 D . 1.72 -3.37 -4.02
O' XR2 D . 2.66 -3.34 -3.23
C1' XR2 D . 1.09 -2.10 -4.57
C2' XR2 D . 1.94 -1.13 -5.06
C3' XR2 D . 1.42 0.03 -5.63
C4' XR2 D . 0.04 0.20 -5.68
CCX XR2 D . -0.81 -0.79 -5.18
N5' XR2 D . -2.14 -0.57 -5.28
CDX XR2 D . -2.96 -1.54 -4.78
CEX XR2 D . -2.48 -2.70 -4.21
NAX XR2 D . -1.13 -2.88 -4.13
CBX XR2 D . -0.27 -1.94 -4.62
C9' XR2 D . -3.39 -3.66 -3.70
C8' XR2 D . -4.72 -3.44 -3.80
C7' XR2 D . -5.21 -2.29 -4.39
C6' XR2 D . -4.33 -1.33 -4.87
C9X XR2 D . -2.87 -4.94 -3.06
CA' XR2 D . 2.03 -5.74 -4.45
CB' XR2 D . 1.02 -6.91 -4.37
NG' XR2 D . 0.05 -6.73 -5.52
CD' XR2 D . -0.19 -8.10 -6.05
H2 XR2 D . -3.10 -7.22 -12.23
H3 XR2 D . -4.63 -5.55 -13.22
H4 XR2 D . -3.69 -3.47 -14.18
H6 XR2 D . -0.12 -0.73 -15.23
H7 XR2 D . 2.32 -0.23 -15.26
H8 XR2 D . 3.90 -1.85 -14.30
H91 XR2 D . 4.33 -3.71 -12.95
H92 XR2 D . 3.58 -5.02 -13.89
H93 XR2 D . 2.99 -4.64 -12.24
HN XR2 D . -1.85 -7.69 -10.70
HA1 XR2 D . 0.81 -7.69 -9.66
HA2 XR2 D . 0.54 -9.23 -10.50
HB1 XR2 D . -0.15 -9.44 -8.13
HB2 XR2 D . -1.59 -9.50 -9.17
HG1 XR2 D . -2.14 -7.38 -8.57
HG2 XR2 D . -0.65 -6.92 -8.18
HD1 XR2 D . -2.05 -9.02 -6.69
HD2 XR2 D . -2.19 -7.31 -6.24
HN' XR2 D . 0.29 -4.51 -4.77
H2' XR2 D . 3.01 -1.28 -5.00
H3' XR2 D . 2.09 0.79 -6.00
H4' XR2 D . -0.37 1.09 -6.12
H8' XR2 D . -5.41 -4.16 -3.39
H7' XR2 D . -6.26 -2.15 -4.50
H6' XR2 D . -4.72 -0.43 -5.32
H91' XR2 D . -3.71 -5.56 -2.74
H92' XR2 D . -2.26 -4.68 -2.19
H93' XR2 D . -2.27 -5.48 -3.78
HA1' XR2 D . 2.69 -5.77 -3.59
HA2' XR2 D . 2.60 -5.81 -5.36
HB1' XR2 D . 0.48 -6.86 -3.43
HB2' XR2 D . 1.53 -7.85 -4.46
HG1' XR2 D . 0.44 -6.16 -6.22
HG2' XR2 D . -0.78 -6.33 -5.19
HD1' XR2 D . 0.57 -8.37 -6.77
HD2' XR2 D . -0.20 -8.83 -5.24
C1 XR2 C . -2.08 -7.17 -12.60
C2 XR2 C . -3.27 -6.60 -13.00
C3 XR2 C . -3.27 -5.41 -13.70
C4 XR2 C . -2.06 -4.80 -14.02
C12 XR2 C . -0.85 -5.38 -13.63
C11 XR2 C . -0.88 -6.58 -12.91
N5 XR2 C . 0.28 -4.74 -13.96
N10 XR2 C . 0.33 -7.12 -12.54
C13 XR2 C . 1.43 -5.31 -13.57
C14 XR2 C . 1.50 -6.49 -12.86
C6 XR2 C . 2.62 -4.65 -13.92
C7 XR2 C . 3.85 -5.19 -13.55
C8 XR2 C . 3.90 -6.38 -12.83
C9 XR2 C . 2.76 -7.02 -12.49
C9A XR2 C . 2.82 -8.33 -11.71
C XR2 C . -2.15 -8.47 -11.82
O XR2 C . -1.78 -9.53 -12.32
N XR2 C . -2.63 -8.40 -10.62
CA XR2 C . -2.08 -9.28 -9.54
CB XR2 C . -2.40 -8.55 -8.23
NG XR2 C . -1.41 -7.43 -8.16
CD XR2 C . -0.14 -8.05 -7.68
N' XR2 C . 0.98 -4.35 -4.32
C' XR2 C . 1.56 -3.26 -3.88
O' XR2 C . 2.55 -3.30 -3.16
C1' XR2 C . 0.94 -1.95 -4.32
C2' XR2 C . 1.79 -0.91 -4.64
C3' XR2 C . 1.29 0.30 -5.07
C4' XR2 C . -0.09 0.46 -5.17
CCX XR2 C . -0.96 -0.58 -4.84
N5' XR2 C . -2.28 -0.36 -4.96
CDX XR2 C . -3.10 -1.38 -4.63
CEX XR2 C . -2.64 -2.61 -4.21
NAX XR2 C . -1.30 -2.81 -4.10
CBX XR2 C . -0.42 -1.79 -4.41
C9' XR2 C . -3.57 -3.64 -3.89
C8' XR2 C . -4.90 -3.41 -4.01
C7' XR2 C . -5.37 -2.19 -4.44
C6' XR2 C . -4.47 -1.16 -4.75
C9X XR2 C . -3.07 -4.99 -3.41
CA' XR2 C . 1.47 -5.69 -3.84
CB' XR2 C . 0.40 -6.69 -4.29
NG' XR2 C . 0.62 -6.87 -5.75
CD' XR2 C . -0.21 -8.04 -6.16
H2 XR2 C . -4.20 -7.08 -12.74
H3 XR2 C . -4.21 -4.95 -14.01
H4 XR2 C . -2.06 -3.86 -14.57
H6 XR2 C . 2.58 -3.72 -14.47
H7 XR2 C . 4.77 -4.68 -13.81
H8 XR2 C . 4.85 -6.80 -12.55
H91 XR2 C . 3.86 -8.67 -11.65
H92 XR2 C . 2.23 -9.09 -12.21
H93 XR2 C . 2.44 -8.17 -10.70
HN XR2 C . -3.35 -7.76 -10.41
HA1 XR2 C . -1.01 -9.39 -9.66
HA2 XR2 C . -2.57 -10.24 -9.57
HB1 XR2 C . -2.27 -9.21 -7.39
HB2 XR2 C . -3.41 -8.16 -8.26
HG1 XR2 C . -1.72 -6.74 -7.52
HG2 XR2 C . -1.29 -7.02 -9.04
HD1 XR2 C . 0.71 -7.48 -8.02
HD2 XR2 C . -0.06 -9.07 -8.04
HN' XR2 C . 0.24 -4.29 -4.95
H2' XR2 C . 2.85 -1.06 -4.56
H3' XR2 C . 1.96 1.11 -5.31
H4' XR2 C . -0.50 1.41 -5.50
H8' XR2 C . -5.59 -4.19 -3.75
H7' XR2 C . -6.43 -2.02 -4.56
H6' XR2 C . -4.84 -0.21 -5.07
H91' XR2 C . -3.77 -5.41 -2.70
H92' XR2 C . -2.09 -4.87 -2.93
H93' XR2 C . -2.97 -5.67 -4.26
HA1' XR2 C . 1.56 -5.69 -2.77
HA2' XR2 C . 2.42 -5.93 -4.31
HB1' XR2 C . -0.58 -6.29 -4.12
HB2' XR2 C . 0.51 -7.62 -3.77
HG1' XR2 C . 1.57 -7.06 -5.93
HG2' XR2 C . 0.35 -6.07 -6.24
HD1' XR2 C . 0.20 -8.95 -5.74
HD2' XR2 C . -1.23 -7.91 -5.82
C1 XR2 D . -0.06 3.64 3.63
C2 XR2 D . -0.46 4.87 3.14
C3 XR2 D . -1.80 5.12 2.86
C4 XR2 D . -2.72 4.10 3.07
C12 XR2 D . -2.32 2.86 3.56
C11 XR2 D . -0.98 2.64 3.85
N5 XR2 D . -3.28 1.93 3.74
N10 XR2 D . -0.61 1.42 4.33
C13 XR2 D . -2.88 0.74 4.21
C14 XR2 D . -1.55 0.44 4.52
C6 XR2 D . -3.86 -0.24 4.41
C7 XR2 D . -3.51 -1.50 4.89
C8 XR2 D . -2.18 -1.78 5.18
C9 XR2 D . -1.23 -0.84 5.01
C9A XR2 D . 0.23 -1.16 5.34
C XR2 D . 1.41 3.46 3.94
O XR2 D . 2.20 3.07 3.08
N XR2 D . 1.80 3.76 5.16
CA XR2 D . 3.10 4.45 5.38
CB XR2 D . 3.30 4.44 6.90
NG XR2 D . 2.20 5.30 7.49
CD XR2 D . 2.89 6.29 8.36
N' XR2 D . 2.16 10.52 11.18
C' XR2 D . 2.29 9.68 12.17
O' XR2 D . 3.16 9.82 13.03
C1' XR2 D . 1.32 8.53 12.21
C2' XR2 D . 1.84 7.26 12.43
C3' XR2 D . 1.00 6.16 12.47
C4' XR2 D . -0.36 6.33 12.29
CCX XR2 D . -0.89 7.61 12.07
N5' XR2 D . -2.23 7.71 11.91
CDX XR2 D . -2.72 8.95 11.69
CEX XR2 D . -1.93 10.08 11.64
NAX XR2 D . -0.57 9.95 11.82
CBX XR2 D . -0.03 8.71 12.04
C9' XR2 D . -2.52 11.35 11.41
C8' XR2 D . -3.87 11.45 11.25
C7' XR2 D . -4.67 10.32 11.30
C6' XR2 D . -4.10 9.07 11.53
C9X XR2 D . -1.65 12.60 11.36
CA' XR2 D . 1.61 10.05 9.87
CB' XR2 D . 2.59 8.98 9.39
NG' XR2 D . 2.04 8.53 8.07
CD' XR2 D . 3.04 7.58 7.52
H2 XR2 D . 0.27 5.64 2.97
H3 XR2 D . -2.10 6.07 2.47
H4 XR2 D . -3.77 4.28 2.86
H6 XR2 D . -4.88 -0.01 4.18
H7 XR2 D . -4.28 -2.25 5.03
H8 XR2 D . -1.91 -2.75 5.56
H91 XR2 D . 0.48 -0.77 6.32
H92 XR2 D . 0.89 -0.72 4.59
H93 XR2 D . 0.37 -2.25 5.34
HN XR2 D . 1.23 3.51 5.92
HA1 XR2 D . 3.05 5.47 5.01
HA2 XR2 D . 3.90 3.91 4.90
HB1 XR2 D . 4.26 4.87 7.14
HB2 XR2 D . 3.23 3.44 7.28
HG1 XR2 D . 1.60 4.73 8.02
HG2 XR2 D . 1.69 5.74 6.78
HD1 XR2 D . 3.87 5.92 8.65
HD2 XR2 D . 2.29 6.49 9.24
HN' XR2 D . 2.43 11.45 11.29
H2' XR2 D . 2.89 7.15 12.57
H3' XR2 D . 1.41 5.17 12.65
H4' XR2 D . -1.03 5.49 12.32
H8' XR2 D . -4.31 12.41 11.07
H7' XR2 D . -5.74 10.40 11.18
H6' XR2 D . -4.72 8.19 11.55
H91' XR2 D . -1.87 13.22 12.23
H92' XR2 D . -1.86 13.15 10.45
H93' XR2 D . -0.60 12.30 11.38
HA1' XR2 D . 1.56 10.87 9.17
HA2' XR2 D . 0.62 9.62 10.01
HB1' XR2 D . 2.63 8.16 10.09
HB2' XR2 D . 3.58 9.40 9.25
HG1' XR2 D . 1.92 9.29 7.47
HG2' XR2 D . 1.18 8.08 8.21
HD1' XR2 D . 2.84 7.37 6.48
HD2' XR2 D . 4.04 7.98 7.63
#